data_4NBT
#
_entry.id   4NBT
#
_cell.length_a   61.968
_cell.length_b   62.364
_cell.length_c   66.765
_cell.angle_alpha   66.03
_cell.angle_beta   76.63
_cell.angle_gamma   79.93
#
_symmetry.space_group_name_H-M   'P 1'
#
loop_
_entity.id
_entity.type
_entity.pdbx_description
1 polymer '3-oxoacyl-[acyl-carrier-protein] reductase'
2 non-polymer NICOTINAMIDE-ADENINE-DINUCLEOTIDE
3 water water
#
_entity_poly.entity_id   1
_entity_poly.type   'polypeptide(L)'
_entity_poly.pdbx_seq_one_letter_code
;MKKLEGKVAVITGGAKGLGQAIALAYAEEGAKVIAGDLGDLTYSHPNVEGMYLNVTDVTGVEKFYQSVIDKYGKIDILVN
NAGITKDAMTRKMTEAQWDAVIDVNLKGVFNLTRLVGPQMQTNGYGSIINISSVVGVFGNIGQANYAATKAGVIGLTMTW
AKEFALKGANVRVNAIAPGYIMTDILKTVPQDLLDKFAALTMLNRLGQPEEIAKVALFLASDDASYVTGQTINVNGGMRL
;
_entity_poly.pdbx_strand_id   A,B,C,D
#
# COMPACT_ATOMS: atom_id res chain seq x y z
N LYS A 2 -6.38 -4.60 -34.46
CA LYS A 2 -5.94 -3.53 -33.56
C LYS A 2 -6.53 -3.72 -32.17
N LYS A 3 -5.85 -3.18 -31.16
CA LYS A 3 -6.14 -3.45 -29.75
C LYS A 3 -7.52 -3.03 -29.31
N LEU A 4 -8.06 -1.97 -29.91
CA LEU A 4 -9.34 -1.42 -29.48
C LEU A 4 -10.30 -1.36 -30.68
N GLU A 5 -10.12 -2.25 -31.66
CA GLU A 5 -10.91 -2.19 -32.87
C GLU A 5 -12.39 -2.30 -32.54
N GLY A 6 -13.17 -1.34 -33.02
CA GLY A 6 -14.61 -1.38 -32.85
C GLY A 6 -15.12 -0.80 -31.54
N LYS A 7 -14.21 -0.39 -30.66
CA LYS A 7 -14.63 0.20 -29.38
C LYS A 7 -14.86 1.69 -29.50
N VAL A 8 -15.73 2.21 -28.64
CA VAL A 8 -15.99 3.63 -28.50
C VAL A 8 -15.43 4.11 -27.15
N ALA A 9 -14.56 5.11 -27.19
CA ALA A 9 -13.88 5.63 -26.01
C ALA A 9 -14.18 7.11 -25.83
N VAL A 10 -14.50 7.49 -24.61
CA VAL A 10 -14.63 8.89 -24.21
C VAL A 10 -13.43 9.28 -23.35
N ILE A 11 -12.79 10.39 -23.71
CA ILE A 11 -11.66 10.93 -22.93
C ILE A 11 -12.00 12.32 -22.51
N THR A 12 -12.08 12.58 -21.20
CA THR A 12 -12.32 13.93 -20.75
C THR A 12 -11.00 14.69 -20.72
N GLY A 13 -11.06 16.01 -20.87
CA GLY A 13 -9.85 16.80 -20.96
C GLY A 13 -8.97 16.39 -22.14
N GLY A 14 -9.60 16.08 -23.27
CA GLY A 14 -8.89 15.50 -24.39
C GLY A 14 -8.27 16.46 -25.40
N ALA A 15 -8.28 17.76 -25.12
CA ALA A 15 -7.81 18.73 -26.11
C ALA A 15 -6.29 18.84 -26.21
N LYS A 16 -5.58 18.50 -25.15
CA LYS A 16 -4.13 18.65 -25.10
C LYS A 16 -3.59 17.73 -24.00
N GLY A 17 -2.29 17.76 -23.79
CA GLY A 17 -1.66 17.06 -22.66
C GLY A 17 -1.87 15.56 -22.69
N LEU A 18 -2.02 14.98 -21.51
CA LEU A 18 -2.19 13.53 -21.40
C LEU A 18 -3.45 13.09 -22.15
N GLY A 19 -4.50 13.88 -22.06
CA GLY A 19 -5.75 13.53 -22.74
C GLY A 19 -5.57 13.37 -24.23
N GLN A 20 -4.85 14.31 -24.86
CA GLN A 20 -4.50 14.21 -26.26
C GLN A 20 -3.68 12.95 -26.56
N ALA A 21 -2.66 12.68 -25.75
CA ALA A 21 -1.81 11.53 -26.01
C ALA A 21 -2.61 10.23 -25.92
N ILE A 22 -3.51 10.15 -24.92
CA ILE A 22 -4.33 8.96 -24.75
C ILE A 22 -5.30 8.83 -25.92
N ALA A 23 -5.93 9.94 -26.33
CA ALA A 23 -6.86 9.91 -27.45
C ALA A 23 -6.19 9.40 -28.71
N LEU A 24 -5.00 9.89 -28.99
CA LEU A 24 -4.29 9.49 -30.21
C LEU A 24 -3.85 8.04 -30.13
N ALA A 25 -3.45 7.58 -28.95
CA ALA A 25 -3.03 6.18 -28.81
C ALA A 25 -4.20 5.23 -29.09
N TYR A 26 -5.37 5.59 -28.58
CA TYR A 26 -6.60 4.82 -28.79
C TYR A 26 -7.04 4.86 -30.26
N ALA A 27 -7.00 6.04 -30.85
CA ALA A 27 -7.42 6.27 -32.23
C ALA A 27 -6.54 5.50 -33.21
N GLU A 28 -5.28 5.29 -32.83
CA GLU A 28 -4.37 4.49 -33.67
C GLU A 28 -4.56 2.99 -33.50
N GLU A 29 -5.41 2.61 -32.55
CA GLU A 29 -5.71 1.20 -32.30
C GLU A 29 -7.17 0.84 -32.58
N GLY A 30 -7.78 1.59 -33.49
CA GLY A 30 -9.06 1.19 -34.02
C GLY A 30 -10.28 1.66 -33.26
N ALA A 31 -10.09 2.44 -32.20
CA ALA A 31 -11.22 2.97 -31.45
C ALA A 31 -11.75 4.24 -32.08
N LYS A 32 -13.06 4.46 -31.94
CA LYS A 32 -13.63 5.78 -32.17
C LYS A 32 -13.58 6.53 -30.86
N VAL A 33 -12.91 7.68 -30.87
CA VAL A 33 -12.66 8.44 -29.66
C VAL A 33 -13.44 9.74 -29.69
N ILE A 34 -14.13 10.03 -28.59
CA ILE A 34 -14.73 11.33 -28.34
C ILE A 34 -13.88 12.04 -27.30
N ALA A 35 -13.24 13.13 -27.71
CA ALA A 35 -12.42 13.94 -26.83
C ALA A 35 -13.22 15.14 -26.35
N GLY A 36 -13.65 15.09 -25.10
CA GLY A 36 -14.42 16.15 -24.50
C GLY A 36 -13.53 17.15 -23.79
N ASP A 37 -13.77 18.44 -24.00
CA ASP A 37 -12.96 19.47 -23.38
C ASP A 37 -13.66 20.80 -23.44
N LEU A 38 -13.18 21.73 -22.63
CA LEU A 38 -13.64 23.11 -22.66
C LEU A 38 -13.12 23.80 -23.91
N GLY A 39 -11.89 23.47 -24.28
CA GLY A 39 -11.25 24.12 -25.41
C GLY A 39 -11.29 23.28 -26.67
N ASP A 40 -11.05 23.92 -27.81
CA ASP A 40 -10.94 23.22 -29.08
C ASP A 40 -9.74 22.28 -29.05
N LEU A 41 -9.86 21.16 -29.72
CA LEU A 41 -8.73 20.23 -29.80
C LEU A 41 -7.53 20.91 -30.48
N THR A 42 -6.34 20.59 -30.02
CA THR A 42 -5.12 21.14 -30.60
C THR A 42 -4.53 20.22 -31.67
N TYR A 43 -5.31 19.23 -32.10
CA TYR A 43 -4.85 18.22 -33.06
C TYR A 43 -6.08 17.67 -33.76
N SER A 44 -5.86 16.87 -34.79
CA SER A 44 -6.94 16.15 -35.46
C SER A 44 -6.53 14.72 -35.76
N HIS A 45 -7.52 13.85 -35.91
CA HIS A 45 -7.32 12.46 -36.28
C HIS A 45 -8.66 11.91 -36.79
N PRO A 46 -8.64 11.07 -37.85
CA PRO A 46 -9.89 10.52 -38.39
C PRO A 46 -10.79 9.77 -37.40
N ASN A 47 -10.20 9.31 -36.30
CA ASN A 47 -10.93 8.57 -35.29
C ASN A 47 -11.10 9.36 -33.99
N VAL A 48 -10.82 10.66 -34.01
CA VAL A 48 -11.10 11.51 -32.85
C VAL A 48 -12.11 12.61 -33.20
N GLU A 49 -13.23 12.64 -32.48
CA GLU A 49 -14.19 13.74 -32.57
C GLU A 49 -14.12 14.58 -31.30
N GLY A 50 -13.91 15.88 -31.48
CA GLY A 50 -13.94 16.82 -30.37
C GLY A 50 -15.37 17.23 -30.07
N MET A 51 -15.70 17.29 -28.79
CA MET A 51 -16.98 17.78 -28.34
C MET A 51 -16.80 18.65 -27.12
N TYR A 52 -17.66 19.64 -26.93
CA TYR A 52 -17.64 20.43 -25.73
C TYR A 52 -18.08 19.61 -24.52
N LEU A 53 -17.29 19.70 -23.46
CA LEU A 53 -17.58 19.05 -22.20
C LEU A 53 -16.97 19.86 -21.08
N ASN A 54 -17.83 20.28 -20.15
CA ASN A 54 -17.40 20.82 -18.86
C ASN A 54 -17.85 19.86 -17.79
N VAL A 55 -16.90 19.10 -17.22
CA VAL A 55 -17.26 18.03 -16.32
C VAL A 55 -17.92 18.51 -15.04
N THR A 56 -17.87 19.82 -14.79
CA THR A 56 -18.47 20.38 -13.58
C THR A 56 -19.93 20.80 -13.76
N ASP A 57 -20.41 20.85 -15.00
CA ASP A 57 -21.78 21.24 -15.29
C ASP A 57 -22.60 19.98 -15.43
N VAL A 58 -23.35 19.62 -14.40
CA VAL A 58 -24.10 18.37 -14.39
C VAL A 58 -25.07 18.29 -15.57
N THR A 59 -25.77 19.37 -15.86
CA THR A 59 -26.74 19.37 -16.96
C THR A 59 -26.04 19.15 -18.29
N GLY A 60 -24.92 19.83 -18.48
CA GLY A 60 -24.13 19.69 -19.70
C GLY A 60 -23.49 18.33 -19.88
N VAL A 61 -23.08 17.71 -18.78
CA VAL A 61 -22.53 16.37 -18.83
C VAL A 61 -23.59 15.41 -19.35
N GLU A 62 -24.84 15.55 -18.90
CA GLU A 62 -25.91 14.67 -19.41
C GLU A 62 -26.16 14.90 -20.89
N LYS A 63 -26.13 16.16 -21.34
CA LYS A 63 -26.29 16.47 -22.76
C LYS A 63 -25.16 15.83 -23.59
N PHE A 64 -23.93 15.98 -23.13
CA PHE A 64 -22.78 15.34 -23.78
C PHE A 64 -22.96 13.81 -23.86
N TYR A 65 -23.25 13.20 -22.73
CA TYR A 65 -23.47 11.77 -22.66
C TYR A 65 -24.51 11.30 -23.67
N GLN A 66 -25.68 11.93 -23.66
CA GLN A 66 -26.75 11.51 -24.54
C GLN A 66 -26.40 11.71 -26.01
N SER A 67 -25.66 12.77 -26.30
CA SER A 67 -25.22 13.02 -27.67
C SER A 67 -24.29 11.91 -28.15
N VAL A 68 -23.37 11.49 -27.27
CA VAL A 68 -22.47 10.41 -27.63
C VAL A 68 -23.21 9.10 -27.84
N ILE A 69 -24.16 8.80 -26.97
CA ILE A 69 -24.95 7.58 -27.09
C ILE A 69 -25.79 7.62 -28.38
N ASP A 70 -26.37 8.76 -28.68
CA ASP A 70 -27.21 8.87 -29.88
C ASP A 70 -26.41 8.59 -31.16
N LYS A 71 -25.18 9.09 -31.21
CA LYS A 71 -24.34 8.91 -32.38
C LYS A 71 -23.70 7.55 -32.45
N TYR A 72 -23.11 7.14 -31.32
CA TYR A 72 -22.22 6.00 -31.28
C TYR A 72 -22.88 4.72 -30.72
N GLY A 73 -24.05 4.86 -30.10
CA GLY A 73 -24.78 3.73 -29.57
C GLY A 73 -24.38 3.29 -28.18
N LYS A 74 -23.08 3.22 -27.93
CA LYS A 74 -22.58 2.88 -26.61
C LYS A 74 -21.20 3.45 -26.40
N ILE A 75 -20.78 3.43 -25.15
CA ILE A 75 -19.45 3.83 -24.73
C ILE A 75 -18.80 2.64 -24.03
N ASP A 76 -17.71 2.13 -24.60
CA ASP A 76 -17.01 0.95 -24.08
C ASP A 76 -15.90 1.31 -23.10
N ILE A 77 -15.30 2.48 -23.30
CA ILE A 77 -14.12 2.89 -22.56
C ILE A 77 -14.29 4.34 -22.14
N LEU A 78 -13.95 4.65 -20.89
CA LEU A 78 -14.00 6.01 -20.37
C LEU A 78 -12.69 6.31 -19.67
N VAL A 79 -12.07 7.43 -20.04
CA VAL A 79 -10.89 7.93 -19.33
C VAL A 79 -11.23 9.29 -18.71
N ASN A 80 -11.25 9.32 -17.38
CA ASN A 80 -11.58 10.51 -16.61
C ASN A 80 -10.29 11.27 -16.34
N ASN A 81 -9.84 12.01 -17.33
CA ASN A 81 -8.53 12.65 -17.36
C ASN A 81 -8.54 14.16 -17.03
N ALA A 82 -9.64 14.86 -17.30
CA ALA A 82 -9.68 16.31 -17.02
C ALA A 82 -9.28 16.57 -15.57
N GLY A 83 -8.41 17.55 -15.38
CA GLY A 83 -7.98 17.88 -14.03
C GLY A 83 -7.28 19.20 -14.03
N ILE A 84 -7.30 19.84 -12.85
CA ILE A 84 -6.64 21.13 -12.66
C ILE A 84 -5.89 21.15 -11.33
N THR A 85 -5.00 22.13 -11.19
CA THR A 85 -4.42 22.48 -9.91
C THR A 85 -4.73 23.92 -9.58
N LYS A 86 -4.79 24.20 -8.28
CA LYS A 86 -4.82 25.56 -7.74
C LYS A 86 -4.00 25.52 -6.46
N ASP A 87 -2.68 25.60 -6.63
CA ASP A 87 -1.74 25.31 -5.56
C ASP A 87 -1.66 26.47 -4.58
N ALA A 88 -1.47 26.10 -3.31
CA ALA A 88 -1.27 27.04 -2.23
C ALA A 88 -0.92 26.28 -0.96
N MET A 89 -0.05 26.86 -0.14
CA MET A 89 0.09 26.37 1.22
C MET A 89 -1.29 26.38 1.87
N THR A 90 -1.58 25.37 2.70
CA THR A 90 -2.89 25.30 3.33
C THR A 90 -3.23 26.57 4.12
N ARG A 91 -2.23 27.19 4.73
CA ARG A 91 -2.46 28.40 5.51
C ARG A 91 -2.99 29.56 4.68
N LYS A 92 -2.72 29.54 3.36
CA LYS A 92 -3.18 30.62 2.47
C LYS A 92 -4.26 30.19 1.48
N MET A 93 -4.46 28.89 1.33
CA MET A 93 -5.42 28.37 0.36
C MET A 93 -6.82 28.97 0.55
N THR A 94 -7.37 29.49 -0.53
CA THR A 94 -8.68 30.13 -0.46
C THR A 94 -9.79 29.13 -0.67
N GLU A 95 -11.00 29.51 -0.30
CA GLU A 95 -12.14 28.65 -0.49
C GLU A 95 -12.33 28.30 -1.98
N ALA A 96 -12.07 29.27 -2.85
CA ALA A 96 -12.21 29.05 -4.28
C ALA A 96 -11.16 28.09 -4.83
N GLN A 97 -9.94 28.19 -4.30
CA GLN A 97 -8.89 27.28 -4.74
C GLN A 97 -9.23 25.86 -4.34
N TRP A 98 -9.77 25.68 -3.14
CA TRP A 98 -10.22 24.38 -2.71
C TRP A 98 -11.37 23.91 -3.60
N ASP A 99 -12.42 24.73 -3.68
CA ASP A 99 -13.66 24.30 -4.31
C ASP A 99 -13.47 23.91 -5.77
N ALA A 100 -12.72 24.71 -6.54
CA ALA A 100 -12.56 24.46 -7.96
C ALA A 100 -11.90 23.12 -8.21
N VAL A 101 -10.87 22.82 -7.43
CA VAL A 101 -10.12 21.58 -7.63
C VAL A 101 -10.96 20.34 -7.27
N ILE A 102 -11.70 20.39 -6.17
CA ILE A 102 -12.56 19.29 -5.81
C ILE A 102 -13.66 19.13 -6.86
N ASP A 103 -14.20 20.23 -7.38
CA ASP A 103 -15.29 20.14 -8.34
C ASP A 103 -14.82 19.47 -9.66
N VAL A 104 -13.67 19.86 -10.19
CA VAL A 104 -13.19 19.23 -11.42
C VAL A 104 -12.68 17.82 -11.18
N ASN A 105 -11.78 17.68 -10.20
CA ASN A 105 -10.99 16.47 -10.10
C ASN A 105 -11.69 15.34 -9.40
N LEU A 106 -12.73 15.65 -8.63
CA LEU A 106 -13.46 14.62 -7.90
C LEU A 106 -14.92 14.57 -8.35
N LYS A 107 -15.68 15.64 -8.15
CA LYS A 107 -17.08 15.61 -8.57
C LYS A 107 -17.22 15.41 -10.08
N GLY A 108 -16.33 16.01 -10.88
CA GLY A 108 -16.40 15.87 -12.32
C GLY A 108 -16.28 14.45 -12.81
N VAL A 109 -15.46 13.69 -12.09
CA VAL A 109 -15.28 12.27 -12.37
C VAL A 109 -16.58 11.54 -12.09
N PHE A 110 -17.17 11.80 -10.93
CA PHE A 110 -18.47 11.24 -10.59
C PHE A 110 -19.54 11.63 -11.61
N ASN A 111 -19.59 12.91 -11.99
CA ASN A 111 -20.69 13.40 -12.80
C ASN A 111 -20.87 12.61 -14.10
N LEU A 112 -19.78 12.30 -14.80
CA LEU A 112 -19.90 11.56 -16.03
C LEU A 112 -19.93 10.05 -15.79
N THR A 113 -19.17 9.57 -14.80
CA THR A 113 -19.13 8.14 -14.56
C THR A 113 -20.47 7.58 -14.11
N ARG A 114 -21.26 8.36 -13.37
CA ARG A 114 -22.55 7.85 -12.90
C ARG A 114 -23.52 7.57 -14.06
N LEU A 115 -23.23 8.13 -15.22
CA LEU A 115 -23.96 7.81 -16.44
C LEU A 115 -23.28 6.68 -17.22
N VAL A 116 -21.99 6.85 -17.50
CA VAL A 116 -21.29 5.87 -18.32
C VAL A 116 -21.10 4.50 -17.70
N GLY A 117 -20.72 4.46 -16.42
CA GLY A 117 -20.39 3.19 -15.79
C GLY A 117 -21.58 2.26 -15.73
N PRO A 118 -22.72 2.76 -15.24
CA PRO A 118 -23.92 1.90 -15.22
C PRO A 118 -24.34 1.45 -16.62
N GLN A 119 -24.09 2.27 -17.64
CA GLN A 119 -24.36 1.91 -19.03
C GLN A 119 -23.44 0.78 -19.49
N MET A 120 -22.17 0.82 -19.09
CA MET A 120 -21.26 -0.28 -19.39
C MET A 120 -21.76 -1.57 -18.74
N GLN A 121 -22.19 -1.48 -17.49
CA GLN A 121 -22.67 -2.65 -16.76
C GLN A 121 -23.88 -3.25 -17.47
N THR A 122 -24.82 -2.39 -17.86
CA THR A 122 -26.02 -2.81 -18.56
C THR A 122 -25.66 -3.52 -19.87
N ASN A 123 -24.66 -2.98 -20.56
CA ASN A 123 -24.19 -3.54 -21.81
C ASN A 123 -23.26 -4.74 -21.67
N GLY A 124 -22.83 -5.01 -20.44
CA GLY A 124 -22.05 -6.22 -20.15
C GLY A 124 -20.55 -6.12 -20.34
N TYR A 125 -20.06 -4.92 -20.62
CA TYR A 125 -18.66 -4.72 -20.95
C TYR A 125 -18.22 -3.27 -20.80
N GLY A 126 -17.06 -3.07 -20.20
CA GLY A 126 -16.42 -1.78 -20.25
C GLY A 126 -15.11 -1.73 -19.53
N SER A 127 -14.35 -0.68 -19.79
CA SER A 127 -13.15 -0.39 -19.04
C SER A 127 -13.09 1.12 -18.74
N ILE A 128 -12.92 1.47 -17.47
CA ILE A 128 -12.82 2.85 -16.99
C ILE A 128 -11.43 3.05 -16.45
N ILE A 129 -10.78 4.14 -16.86
CA ILE A 129 -9.46 4.52 -16.37
C ILE A 129 -9.58 5.90 -15.77
N ASN A 130 -9.33 5.99 -14.47
CA ASN A 130 -9.27 7.26 -13.76
C ASN A 130 -7.82 7.71 -13.69
N ILE A 131 -7.59 9.02 -13.67
CA ILE A 131 -6.23 9.54 -13.58
C ILE A 131 -6.05 10.09 -12.19
N SER A 132 -5.22 9.42 -11.42
CA SER A 132 -4.83 9.88 -10.09
C SER A 132 -3.55 10.71 -10.25
N SER A 133 -2.58 10.55 -9.36
CA SER A 133 -1.30 11.23 -9.44
C SER A 133 -0.39 10.71 -8.35
N VAL A 134 0.92 10.78 -8.58
CA VAL A 134 1.90 10.52 -7.53
C VAL A 134 1.59 11.38 -6.27
N VAL A 135 0.98 12.55 -6.48
CA VAL A 135 0.62 13.45 -5.39
C VAL A 135 -0.50 12.85 -4.54
N GLY A 136 -1.39 12.08 -5.15
CA GLY A 136 -2.42 11.38 -4.40
C GLY A 136 -1.88 10.21 -3.61
N VAL A 137 -0.75 9.66 -4.04
CA VAL A 137 -0.15 8.50 -3.40
C VAL A 137 0.76 8.88 -2.25
N PHE A 138 1.40 10.06 -2.35
CA PHE A 138 2.41 10.49 -1.37
C PHE A 138 2.14 11.83 -0.69
N GLY A 139 1.16 12.58 -1.19
CA GLY A 139 0.96 13.96 -0.76
C GLY A 139 2.01 14.89 -1.35
N ASN A 140 1.80 16.21 -1.27
CA ASN A 140 2.81 17.16 -1.73
C ASN A 140 2.55 18.52 -1.11
N ILE A 141 3.60 19.13 -0.59
CA ILE A 141 3.51 20.47 -0.06
C ILE A 141 2.88 21.42 -1.08
N GLY A 142 1.93 22.21 -0.59
CA GLY A 142 1.29 23.23 -1.41
C GLY A 142 0.16 22.69 -2.26
N GLN A 143 -0.22 21.42 -2.05
CA GLN A 143 -1.26 20.80 -2.88
C GLN A 143 -2.30 20.00 -2.10
N ALA A 144 -2.71 20.48 -0.93
CA ALA A 144 -3.69 19.72 -0.15
C ALA A 144 -4.99 19.42 -0.94
N ASN A 145 -5.49 20.42 -1.67
CA ASN A 145 -6.68 20.23 -2.47
C ASN A 145 -6.47 19.16 -3.53
N TYR A 146 -5.41 19.30 -4.30
CA TYR A 146 -5.10 18.35 -5.36
C TYR A 146 -4.87 16.94 -4.83
N ALA A 147 -4.08 16.85 -3.76
CA ALA A 147 -3.82 15.55 -3.12
C ALA A 147 -5.11 14.88 -2.64
N ALA A 148 -5.99 15.65 -2.03
CA ALA A 148 -7.27 15.11 -1.60
C ALA A 148 -8.02 14.51 -2.79
N THR A 149 -8.01 15.22 -3.92
CA THR A 149 -8.77 14.74 -5.07
C THR A 149 -8.13 13.50 -5.66
N LYS A 150 -6.82 13.47 -5.75
CA LYS A 150 -6.18 12.36 -6.46
C LYS A 150 -6.12 11.12 -5.59
N ALA A 151 -6.02 11.28 -4.27
CA ALA A 151 -6.24 10.16 -3.36
C ALA A 151 -7.70 9.74 -3.42
N GLY A 152 -8.62 10.69 -3.45
CA GLY A 152 -10.03 10.36 -3.52
C GLY A 152 -10.42 9.54 -4.74
N VAL A 153 -9.80 9.83 -5.88
CA VAL A 153 -10.02 9.08 -7.09
C VAL A 153 -9.70 7.60 -6.92
N ILE A 154 -8.76 7.27 -6.05
CA ILE A 154 -8.45 5.86 -5.78
C ILE A 154 -9.65 5.20 -5.06
N GLY A 155 -10.25 5.93 -4.11
CA GLY A 155 -11.44 5.44 -3.45
C GLY A 155 -12.58 5.20 -4.43
N LEU A 156 -12.75 6.12 -5.36
CA LEU A 156 -13.76 5.95 -6.42
C LEU A 156 -13.46 4.72 -7.27
N THR A 157 -12.19 4.56 -7.61
CA THR A 157 -11.75 3.48 -8.48
C THR A 157 -12.10 2.11 -7.89
N MET A 158 -11.76 1.93 -6.61
CA MET A 158 -12.03 0.65 -5.96
C MET A 158 -13.52 0.41 -5.82
N THR A 159 -14.25 1.45 -5.42
CA THR A 159 -15.70 1.32 -5.28
C THR A 159 -16.38 0.94 -6.59
N TRP A 160 -16.00 1.59 -7.66
CA TRP A 160 -16.67 1.35 -8.94
C TRP A 160 -16.25 0.01 -9.52
N ALA A 161 -15.00 -0.40 -9.31
CA ALA A 161 -14.58 -1.72 -9.77
C ALA A 161 -15.49 -2.77 -9.14
N LYS A 162 -15.90 -2.54 -7.89
CA LYS A 162 -16.81 -3.45 -7.23
C LYS A 162 -18.24 -3.31 -7.79
N GLU A 163 -18.74 -2.08 -7.82
CA GLU A 163 -20.15 -1.85 -8.20
C GLU A 163 -20.48 -2.25 -9.62
N PHE A 164 -19.65 -1.87 -10.58
CA PHE A 164 -20.02 -2.02 -11.98
C PHE A 164 -19.81 -3.44 -12.50
N ALA A 165 -19.14 -4.28 -11.71
CA ALA A 165 -18.95 -5.70 -12.05
C ALA A 165 -19.95 -6.59 -11.32
N LEU A 166 -20.88 -6.00 -10.59
CA LEU A 166 -21.92 -6.81 -9.96
C LEU A 166 -22.82 -7.43 -11.02
N LYS A 167 -23.47 -8.53 -10.65
CA LYS A 167 -24.43 -9.20 -11.51
C LYS A 167 -23.86 -9.57 -12.88
N GLY A 168 -22.62 -10.04 -12.88
CA GLY A 168 -22.06 -10.74 -14.01
C GLY A 168 -21.50 -9.86 -15.10
N ALA A 169 -21.38 -8.57 -14.85
CA ALA A 169 -20.95 -7.64 -15.89
C ALA A 169 -19.43 -7.53 -15.98
N ASN A 170 -18.90 -7.64 -17.18
CA ASN A 170 -17.46 -7.60 -17.38
C ASN A 170 -16.97 -6.16 -17.52
N VAL A 171 -17.08 -5.42 -16.42
CA VAL A 171 -16.66 -4.03 -16.36
C VAL A 171 -15.48 -3.91 -15.40
N ARG A 172 -14.39 -3.33 -15.89
CA ARG A 172 -13.19 -3.12 -15.09
C ARG A 172 -13.00 -1.63 -14.85
N VAL A 173 -12.44 -1.28 -13.69
CA VAL A 173 -12.17 0.10 -13.33
C VAL A 173 -10.80 0.16 -12.66
N ASN A 174 -9.92 0.99 -13.18
CA ASN A 174 -8.57 1.11 -12.68
C ASN A 174 -8.19 2.57 -12.73
N ALA A 175 -7.07 2.90 -12.08
CA ALA A 175 -6.49 4.23 -12.17
C ALA A 175 -5.03 4.16 -12.58
N ILE A 176 -4.58 5.22 -13.24
CA ILE A 176 -3.17 5.47 -13.45
C ILE A 176 -2.79 6.64 -12.56
N ALA A 177 -1.69 6.52 -11.82
CA ALA A 177 -1.15 7.61 -11.02
C ALA A 177 0.14 8.05 -11.70
N PRO A 178 0.06 9.04 -12.60
CA PRO A 178 1.30 9.47 -13.24
C PRO A 178 2.22 10.17 -12.26
N GLY A 179 3.53 10.06 -12.51
CA GLY A 179 4.52 10.93 -11.92
C GLY A 179 4.52 12.25 -12.67
N TYR A 180 5.65 12.91 -12.75
CA TYR A 180 5.73 14.21 -13.41
C TYR A 180 6.03 14.01 -14.88
N ILE A 181 5.08 14.47 -15.69
CA ILE A 181 5.07 14.19 -17.11
C ILE A 181 5.12 15.51 -17.84
N MET A 182 5.94 15.53 -18.89
CA MET A 182 6.22 16.78 -19.59
C MET A 182 5.07 17.18 -20.50
N THR A 183 4.03 17.74 -19.90
CA THR A 183 2.94 18.33 -20.68
C THR A 183 3.25 19.81 -20.73
N ASP A 184 2.43 20.59 -21.44
CA ASP A 184 2.71 22.02 -21.66
C ASP A 184 3.05 22.70 -20.35
N ILE A 185 2.28 22.36 -19.33
CA ILE A 185 2.38 23.02 -18.04
C ILE A 185 3.74 22.79 -17.36
N LEU A 186 4.27 21.56 -17.45
CA LEU A 186 5.57 21.23 -16.85
C LEU A 186 6.73 21.77 -17.73
N LYS A 187 6.44 22.15 -18.97
CA LYS A 187 7.47 22.72 -19.84
C LYS A 187 7.89 24.14 -19.41
N THR A 188 7.07 24.79 -18.58
CA THR A 188 7.36 26.17 -18.15
C THR A 188 8.26 26.22 -16.91
N VAL A 189 8.13 25.22 -16.03
CA VAL A 189 8.85 25.16 -14.76
C VAL A 189 10.37 25.28 -14.92
N PRO A 190 11.07 25.95 -13.98
CA PRO A 190 12.50 26.12 -14.22
C PRO A 190 13.25 24.80 -14.21
N GLN A 191 14.26 24.70 -15.08
CA GLN A 191 15.03 23.47 -15.27
C GLN A 191 15.61 22.94 -13.97
N ASP A 192 16.02 23.86 -13.09
CA ASP A 192 16.60 23.50 -11.80
C ASP A 192 15.62 22.62 -11.03
N LEU A 193 14.33 22.89 -11.20
CA LEU A 193 13.32 22.17 -10.43
C LEU A 193 12.89 20.88 -11.13
N LEU A 194 12.91 20.89 -12.46
CA LEU A 194 12.65 19.66 -13.21
C LEU A 194 13.72 18.64 -12.80
N ASP A 195 14.95 19.11 -12.70
CA ASP A 195 16.07 18.27 -12.25
C ASP A 195 15.78 17.66 -10.86
N LYS A 196 15.16 18.44 -9.98
CA LYS A 196 14.87 17.97 -8.62
C LYS A 196 13.86 16.82 -8.59
N PHE A 197 12.74 16.99 -9.30
CA PHE A 197 11.74 15.95 -9.39
C PHE A 197 12.34 14.74 -10.10
N ALA A 198 13.11 14.98 -11.16
CA ALA A 198 13.74 13.87 -11.87
C ALA A 198 14.62 13.06 -10.94
N ALA A 199 15.34 13.75 -10.06
CA ALA A 199 16.27 13.06 -9.16
C ALA A 199 15.56 12.21 -8.11
N LEU A 200 14.24 12.39 -7.95
CA LEU A 200 13.46 11.56 -7.04
C LEU A 200 12.99 10.27 -7.68
N THR A 201 13.22 10.13 -8.99
CA THR A 201 12.86 8.91 -9.72
C THR A 201 14.03 7.95 -9.85
N MET A 202 13.73 6.66 -9.96
CA MET A 202 14.75 5.65 -10.15
C MET A 202 15.42 5.76 -11.52
N LEU A 203 14.68 6.25 -12.53
CA LEU A 203 15.22 6.41 -13.88
C LEU A 203 15.90 7.77 -14.12
N ASN A 204 15.87 8.63 -13.09
CA ASN A 204 16.46 9.98 -13.16
C ASN A 204 15.99 10.81 -14.35
N ARG A 205 14.69 10.75 -14.63
CA ARG A 205 14.10 11.56 -15.66
C ARG A 205 12.61 11.72 -15.45
N LEU A 206 12.04 12.78 -16.00
CA LEU A 206 10.60 12.91 -16.07
C LEU A 206 10.05 12.08 -17.21
N GLY A 207 8.72 11.90 -17.21
CA GLY A 207 8.05 11.07 -18.20
C GLY A 207 7.56 11.88 -19.38
N GLN A 208 7.21 11.18 -20.46
CA GLN A 208 6.60 11.79 -21.64
C GLN A 208 5.14 11.37 -21.71
N PRO A 209 4.28 12.21 -22.31
CA PRO A 209 2.85 11.90 -22.35
C PRO A 209 2.55 10.53 -22.96
N GLU A 210 3.30 10.12 -23.98
CA GLU A 210 3.08 8.81 -24.60
C GLU A 210 3.29 7.67 -23.60
N GLU A 211 4.13 7.88 -22.59
CA GLU A 211 4.37 6.86 -21.58
C GLU A 211 3.17 6.64 -20.67
N ILE A 212 2.34 7.66 -20.50
CA ILE A 212 1.05 7.47 -19.85
C ILE A 212 0.04 6.84 -20.83
N ALA A 213 0.01 7.31 -22.06
CA ALA A 213 -0.94 6.81 -23.03
C ALA A 213 -0.80 5.30 -23.26
N LYS A 214 0.42 4.79 -23.30
CA LYS A 214 0.62 3.36 -23.55
C LYS A 214 0.05 2.54 -22.40
N VAL A 215 0.14 3.04 -21.18
CA VAL A 215 -0.46 2.35 -20.03
C VAL A 215 -1.99 2.45 -20.10
N ALA A 216 -2.51 3.60 -20.51
CA ALA A 216 -3.95 3.75 -20.67
C ALA A 216 -4.47 2.81 -21.75
N LEU A 217 -3.68 2.60 -22.79
CA LEU A 217 -4.03 1.63 -23.84
C LEU A 217 -4.06 0.20 -23.30
N PHE A 218 -3.05 -0.16 -22.49
CA PHE A 218 -3.02 -1.47 -21.85
C PHE A 218 -4.30 -1.69 -21.03
N LEU A 219 -4.65 -0.74 -20.16
CA LEU A 219 -5.79 -0.92 -19.28
C LEU A 219 -7.14 -0.92 -20.00
N ALA A 220 -7.23 -0.14 -21.07
CA ALA A 220 -8.46 -0.10 -21.87
C ALA A 220 -8.68 -1.40 -22.63
N SER A 221 -7.59 -2.07 -23.00
CA SER A 221 -7.61 -3.27 -23.82
C SER A 221 -7.87 -4.55 -23.04
N ASP A 222 -8.12 -5.61 -23.79
CA ASP A 222 -8.32 -6.90 -23.18
C ASP A 222 -7.02 -7.47 -22.64
N ASP A 223 -5.88 -6.85 -22.92
CA ASP A 223 -4.62 -7.32 -22.31
C ASP A 223 -4.71 -7.20 -20.80
N ALA A 224 -5.51 -6.25 -20.33
CA ALA A 224 -5.70 -6.06 -18.91
C ALA A 224 -6.99 -6.73 -18.39
N SER A 225 -7.43 -7.81 -19.04
CA SER A 225 -8.71 -8.42 -18.72
C SER A 225 -8.88 -8.93 -17.28
N TYR A 226 -7.78 -9.23 -16.60
CA TYR A 226 -7.90 -9.68 -15.21
C TYR A 226 -7.32 -8.63 -14.24
N VAL A 227 -7.22 -7.38 -14.70
CA VAL A 227 -6.77 -6.27 -13.83
C VAL A 227 -7.95 -5.36 -13.56
N THR A 228 -8.40 -5.32 -12.31
CA THR A 228 -9.43 -4.38 -11.92
C THR A 228 -9.26 -3.96 -10.46
N GLY A 229 -9.73 -2.77 -10.15
CA GLY A 229 -9.62 -2.20 -8.81
C GLY A 229 -8.26 -1.65 -8.46
N GLN A 230 -7.38 -1.51 -9.46
CA GLN A 230 -5.98 -1.16 -9.22
C GLN A 230 -5.62 0.24 -9.58
N THR A 231 -4.60 0.76 -8.91
CA THR A 231 -3.99 2.04 -9.25
C THR A 231 -2.55 1.72 -9.65
N ILE A 232 -2.22 1.98 -10.91
CA ILE A 232 -0.91 1.70 -11.46
C ILE A 232 -0.09 2.99 -11.44
N ASN A 233 1.02 2.99 -10.69
CA ASN A 233 1.93 4.11 -10.66
C ASN A 233 2.82 4.11 -11.88
N VAL A 234 2.80 5.19 -12.64
CA VAL A 234 3.59 5.32 -13.86
C VAL A 234 4.43 6.56 -13.65
N ASN A 235 5.55 6.36 -12.97
CA ASN A 235 6.26 7.47 -12.33
C ASN A 235 7.78 7.30 -12.29
N GLY A 236 8.31 6.38 -13.10
CA GLY A 236 9.75 6.19 -13.13
C GLY A 236 10.33 5.73 -11.81
N GLY A 237 9.49 5.16 -10.95
CA GLY A 237 9.92 4.73 -9.63
C GLY A 237 10.01 5.83 -8.61
N MET A 238 9.29 6.93 -8.81
CA MET A 238 9.35 8.07 -7.91
C MET A 238 8.85 7.75 -6.50
N ARG A 239 9.56 8.29 -5.52
CA ARG A 239 9.03 8.47 -4.18
C ARG A 239 9.07 9.97 -3.91
N LEU A 240 7.90 10.54 -3.63
CA LEU A 240 7.77 11.98 -3.47
C LEU A 240 7.66 12.35 -2.01
N LYS B 2 7.22 -6.36 -34.29
CA LYS B 2 6.50 -6.93 -33.14
C LYS B 2 7.03 -6.34 -31.83
N LYS B 3 6.26 -6.50 -30.75
CA LYS B 3 6.52 -5.80 -29.49
C LYS B 3 7.89 -6.05 -28.89
N LEU B 4 8.42 -7.26 -29.06
CA LEU B 4 9.69 -7.67 -28.46
C LEU B 4 10.68 -8.12 -29.52
N GLU B 5 10.51 -7.63 -30.74
CA GLU B 5 11.39 -8.05 -31.82
C GLU B 5 12.83 -7.64 -31.48
N GLY B 6 13.75 -8.59 -31.63
CA GLY B 6 15.16 -8.34 -31.40
C GLY B 6 15.59 -8.59 -29.98
N LYS B 7 14.64 -8.82 -29.07
CA LYS B 7 14.98 -8.96 -27.65
C LYS B 7 15.17 -10.41 -27.26
N VAL B 8 16.08 -10.64 -26.33
CA VAL B 8 16.34 -11.95 -25.76
C VAL B 8 15.72 -12.02 -24.37
N ALA B 9 14.86 -13.01 -24.16
CA ALA B 9 14.13 -13.18 -22.89
C ALA B 9 14.39 -14.53 -22.25
N VAL B 10 14.72 -14.52 -20.96
CA VAL B 10 14.85 -15.73 -20.17
C VAL B 10 13.66 -15.85 -19.25
N ILE B 11 13.02 -17.02 -19.24
CA ILE B 11 11.90 -17.31 -18.37
C ILE B 11 12.24 -18.52 -17.54
N THR B 12 12.31 -18.34 -16.22
CA THR B 12 12.56 -19.49 -15.33
C THR B 12 11.25 -20.21 -15.06
N GLY B 13 11.33 -21.51 -14.81
CA GLY B 13 10.13 -22.30 -14.65
C GLY B 13 9.27 -22.30 -15.89
N GLY B 14 9.93 -22.29 -17.06
CA GLY B 14 9.23 -22.13 -18.32
C GLY B 14 8.58 -23.36 -18.95
N ALA B 15 8.60 -24.51 -18.30
CA ALA B 15 8.11 -25.74 -18.96
C ALA B 15 6.58 -25.86 -19.05
N LYS B 16 5.87 -25.23 -18.13
CA LYS B 16 4.42 -25.36 -18.04
C LYS B 16 3.88 -24.18 -17.27
N GLY B 17 2.55 -24.14 -17.11
CA GLY B 17 1.93 -23.12 -16.27
C GLY B 17 2.12 -21.71 -16.77
N LEU B 18 2.24 -20.77 -15.84
CA LEU B 18 2.42 -19.39 -16.22
C LEU B 18 3.68 -19.16 -17.05
N GLY B 19 4.76 -19.86 -16.73
CA GLY B 19 6.00 -19.69 -17.45
C GLY B 19 5.85 -20.01 -18.92
N GLN B 20 5.17 -21.12 -19.22
CA GLN B 20 4.84 -21.49 -20.58
C GLN B 20 4.02 -20.38 -21.25
N ALA B 21 2.99 -19.91 -20.56
CA ALA B 21 2.13 -18.88 -21.18
C ALA B 21 2.93 -17.60 -21.49
N ILE B 22 3.79 -17.20 -20.58
CA ILE B 22 4.63 -16.04 -20.80
C ILE B 22 5.63 -16.27 -21.94
N ALA B 23 6.29 -17.44 -21.96
CA ALA B 23 7.23 -17.74 -23.02
C ALA B 23 6.56 -17.67 -24.37
N LEU B 24 5.38 -18.26 -24.50
CA LEU B 24 4.68 -18.24 -25.78
C LEU B 24 4.21 -16.84 -26.18
N ALA B 25 3.75 -16.07 -25.21
CA ALA B 25 3.33 -14.69 -25.50
C ALA B 25 4.51 -13.86 -26.03
N TYR B 26 5.67 -14.04 -25.42
CA TYR B 26 6.88 -13.33 -25.83
C TYR B 26 7.35 -13.79 -27.21
N ALA B 27 7.37 -15.10 -27.42
CA ALA B 27 7.77 -15.67 -28.70
C ALA B 27 6.87 -15.19 -29.84
N GLU B 28 5.58 -15.05 -29.56
CA GLU B 28 4.65 -14.56 -30.58
C GLU B 28 4.84 -13.09 -30.88
N GLU B 29 5.53 -12.37 -30.00
CA GLU B 29 5.90 -10.98 -30.27
C GLU B 29 7.38 -10.80 -30.62
N GLY B 30 7.97 -11.85 -31.19
CA GLY B 30 9.28 -11.71 -31.80
C GLY B 30 10.49 -11.86 -30.92
N ALA B 31 10.30 -12.17 -29.64
CA ALA B 31 11.43 -12.40 -28.76
C ALA B 31 12.12 -13.72 -29.05
N LYS B 32 13.43 -13.75 -28.81
CA LYS B 32 14.17 -15.00 -28.77
C LYS B 32 14.12 -15.43 -27.31
N VAL B 33 13.42 -16.53 -27.04
CA VAL B 33 13.10 -16.91 -25.67
C VAL B 33 13.90 -18.15 -25.25
N ILE B 34 14.41 -18.13 -24.03
CA ILE B 34 15.01 -19.31 -23.40
C ILE B 34 14.15 -19.64 -22.20
N ALA B 35 13.56 -20.82 -22.21
CA ALA B 35 12.72 -21.29 -21.13
C ALA B 35 13.52 -22.32 -20.35
N GLY B 36 13.94 -21.94 -19.13
CA GLY B 36 14.71 -22.80 -18.26
C GLY B 36 13.83 -23.52 -17.26
N ASP B 37 14.07 -24.80 -17.04
CA ASP B 37 13.23 -25.56 -16.12
C ASP B 37 13.93 -26.85 -15.75
N LEU B 38 13.43 -27.50 -14.71
CA LEU B 38 13.96 -28.79 -14.27
C LEU B 38 13.58 -29.89 -15.24
N GLY B 39 12.44 -29.72 -15.90
CA GLY B 39 11.94 -30.73 -16.82
C GLY B 39 11.91 -30.21 -18.24
N ASP B 40 11.66 -31.12 -19.17
CA ASP B 40 11.49 -30.77 -20.57
C ASP B 40 10.26 -29.90 -20.72
N LEU B 41 10.30 -29.01 -21.70
CA LEU B 41 9.15 -28.17 -22.01
C LEU B 41 7.99 -29.06 -22.43
N THR B 42 6.77 -28.65 -22.11
CA THR B 42 5.58 -29.41 -22.47
C THR B 42 4.97 -28.90 -23.77
N TYR B 43 5.72 -28.08 -24.49
CA TYR B 43 5.23 -27.40 -25.69
C TYR B 43 6.44 -27.08 -26.60
N SER B 44 6.14 -26.65 -27.82
CA SER B 44 7.16 -26.28 -28.81
C SER B 44 6.84 -24.93 -29.43
N HIS B 45 7.89 -24.17 -29.73
CA HIS B 45 7.75 -22.97 -30.55
C HIS B 45 9.13 -22.67 -31.14
N PRO B 46 9.21 -22.27 -32.42
CA PRO B 46 10.53 -22.06 -33.04
C PRO B 46 11.45 -21.07 -32.31
N ASN B 47 10.87 -20.09 -31.65
CA ASN B 47 11.67 -19.11 -30.93
C ASN B 47 11.69 -19.29 -29.42
N VAL B 48 11.33 -20.49 -28.94
CA VAL B 48 11.56 -20.86 -27.54
C VAL B 48 12.54 -22.02 -27.49
N GLU B 49 13.69 -21.78 -26.88
CA GLU B 49 14.67 -22.84 -26.62
C GLU B 49 14.56 -23.32 -25.18
N GLY B 50 14.34 -24.61 -24.99
CA GLY B 50 14.29 -25.20 -23.67
C GLY B 50 15.68 -25.51 -23.20
N MET B 51 15.98 -25.19 -21.95
CA MET B 51 17.25 -25.52 -21.32
C MET B 51 17.00 -26.02 -19.92
N TYR B 52 17.90 -26.87 -19.44
CA TYR B 52 17.88 -27.27 -18.04
C TYR B 52 18.30 -26.12 -17.14
N LEU B 53 17.50 -25.87 -16.11
CA LEU B 53 17.82 -24.85 -15.11
C LEU B 53 17.22 -25.28 -13.81
N ASN B 54 18.06 -25.36 -12.80
CA ASN B 54 17.64 -25.51 -11.42
C ASN B 54 18.08 -24.24 -10.68
N VAL B 55 17.12 -23.36 -10.41
CA VAL B 55 17.42 -22.05 -9.86
C VAL B 55 18.07 -22.13 -8.48
N THR B 56 18.00 -23.30 -7.81
CA THR B 56 18.60 -23.47 -6.48
C THR B 56 20.06 -23.91 -6.51
N ASP B 57 20.54 -24.29 -7.69
CA ASP B 57 21.92 -24.74 -7.81
C ASP B 57 22.78 -23.60 -8.32
N VAL B 58 23.53 -22.98 -7.41
CA VAL B 58 24.29 -21.78 -7.74
C VAL B 58 25.23 -21.99 -8.93
N THR B 59 25.97 -23.09 -8.91
CA THR B 59 26.94 -23.40 -9.94
C THR B 59 26.24 -23.62 -11.28
N GLY B 60 25.14 -24.37 -11.26
CA GLY B 60 24.38 -24.62 -12.49
C GLY B 60 23.76 -23.38 -13.07
N VAL B 61 23.35 -22.47 -12.20
CA VAL B 61 22.79 -21.21 -12.64
C VAL B 61 23.83 -20.41 -13.42
N GLU B 62 25.07 -20.35 -12.93
CA GLU B 62 26.16 -19.69 -13.66
C GLU B 62 26.39 -20.33 -15.01
N LYS B 63 26.37 -21.65 -15.06
CA LYS B 63 26.59 -22.35 -16.31
C LYS B 63 25.47 -22.05 -17.30
N PHE B 64 24.23 -22.07 -16.81
CA PHE B 64 23.07 -21.72 -17.65
C PHE B 64 23.22 -20.29 -18.19
N TYR B 65 23.53 -19.36 -17.30
CA TYR B 65 23.67 -17.95 -17.66
C TYR B 65 24.74 -17.79 -18.75
N GLN B 66 25.89 -18.38 -18.54
CA GLN B 66 26.97 -18.23 -19.50
C GLN B 66 26.63 -18.85 -20.85
N SER B 67 25.89 -19.96 -20.81
CA SER B 67 25.48 -20.62 -22.04
C SER B 67 24.56 -19.71 -22.86
N VAL B 68 23.66 -19.02 -22.17
CA VAL B 68 22.75 -18.12 -22.86
C VAL B 68 23.50 -16.94 -23.43
N ILE B 69 24.41 -16.36 -22.65
CA ILE B 69 25.21 -15.24 -23.15
C ILE B 69 26.04 -15.66 -24.35
N ASP B 70 26.64 -16.86 -24.28
CA ASP B 70 27.50 -17.29 -25.37
C ASP B 70 26.72 -17.42 -26.67
N LYS B 71 25.49 -17.89 -26.58
CA LYS B 71 24.71 -18.16 -27.77
C LYS B 71 23.96 -16.94 -28.27
N TYR B 72 23.39 -16.18 -27.35
CA TYR B 72 22.48 -15.09 -27.69
C TYR B 72 23.10 -13.69 -27.54
N GLY B 73 24.24 -13.62 -26.88
CA GLY B 73 24.99 -12.37 -26.74
C GLY B 73 24.60 -11.52 -25.54
N LYS B 74 23.31 -11.47 -25.24
CA LYS B 74 22.81 -10.62 -24.17
C LYS B 74 21.46 -11.17 -23.72
N ILE B 75 21.01 -10.70 -22.56
CA ILE B 75 19.69 -11.00 -22.03
C ILE B 75 19.02 -9.64 -21.76
N ASP B 76 17.96 -9.36 -22.51
CA ASP B 76 17.22 -8.12 -22.40
C ASP B 76 16.09 -8.17 -21.39
N ILE B 77 15.51 -9.35 -21.19
CA ILE B 77 14.32 -9.52 -20.39
C ILE B 77 14.49 -10.76 -19.54
N LEU B 78 14.16 -10.68 -18.26
CA LEU B 78 14.21 -11.82 -17.35
C LEU B 78 12.90 -11.91 -16.60
N VAL B 79 12.29 -13.09 -16.63
CA VAL B 79 11.10 -13.37 -15.86
C VAL B 79 11.43 -14.45 -14.86
N ASN B 80 11.45 -14.06 -13.59
CA ASN B 80 11.73 -14.97 -12.48
C ASN B 80 10.45 -15.62 -12.01
N ASN B 81 10.02 -16.65 -12.73
CA ASN B 81 8.72 -17.28 -12.56
C ASN B 81 8.75 -18.61 -11.78
N ALA B 82 9.89 -19.33 -11.80
CA ALA B 82 9.95 -20.61 -11.08
C ALA B 82 9.49 -20.44 -9.64
N GLY B 83 8.62 -21.32 -9.19
CA GLY B 83 8.15 -21.26 -7.81
C GLY B 83 7.47 -22.55 -7.42
N ILE B 84 7.48 -22.80 -6.12
CA ILE B 84 6.81 -23.95 -5.55
C ILE B 84 6.07 -23.55 -4.29
N THR B 85 5.15 -24.44 -3.87
CA THR B 85 4.52 -24.38 -2.57
C THR B 85 4.82 -25.68 -1.82
N LYS B 86 4.91 -25.54 -0.49
CA LYS B 86 4.88 -26.68 0.43
C LYS B 86 4.00 -26.25 1.60
N ASP B 87 2.69 -26.35 1.43
CA ASP B 87 1.73 -25.76 2.36
C ASP B 87 1.62 -26.56 3.66
N ALA B 88 1.46 -25.83 4.75
CA ALA B 88 1.24 -26.41 6.07
C ALA B 88 0.86 -25.28 7.01
N MET B 89 -0.01 -25.57 7.97
CA MET B 89 -0.18 -24.66 9.09
C MET B 89 1.20 -24.50 9.74
N THR B 90 1.50 -23.31 10.23
CA THR B 90 2.80 -23.06 10.84
C THR B 90 3.07 -24.02 12.02
N ARG B 91 2.04 -24.38 12.77
CA ARG B 91 2.24 -25.32 13.87
C ARG B 91 2.76 -26.69 13.44
N LYS B 92 2.51 -27.07 12.19
CA LYS B 92 2.98 -28.37 11.68
C LYS B 92 4.08 -28.29 10.62
N MET B 93 4.36 -27.10 10.11
CA MET B 93 5.31 -26.93 9.02
C MET B 93 6.69 -27.44 9.41
N THR B 94 7.27 -28.27 8.55
CA THR B 94 8.58 -28.82 8.83
C THR B 94 9.68 -27.91 8.32
N GLU B 95 10.88 -28.13 8.82
CA GLU B 95 12.03 -27.34 8.41
C GLU B 95 12.22 -27.50 6.90
N ALA B 96 12.01 -28.70 6.38
CA ALA B 96 12.21 -28.94 4.97
C ALA B 96 11.18 -28.19 4.11
N GLN B 97 9.94 -28.12 4.58
CA GLN B 97 8.88 -27.38 3.87
C GLN B 97 9.22 -25.89 3.82
N TRP B 98 9.72 -25.37 4.92
CA TRP B 98 10.20 -24.00 4.95
C TRP B 98 11.35 -23.82 3.99
N ASP B 99 12.41 -24.63 4.19
CA ASP B 99 13.66 -24.41 3.48
C ASP B 99 13.49 -24.47 1.97
N ALA B 100 12.74 -25.43 1.46
CA ALA B 100 12.67 -25.63 0.03
C ALA B 100 11.97 -24.45 -0.65
N VAL B 101 10.93 -23.94 0.00
CA VAL B 101 10.17 -22.85 -0.59
C VAL B 101 11.00 -21.56 -0.61
N ILE B 102 11.73 -21.27 0.46
CA ILE B 102 12.59 -20.09 0.48
C ILE B 102 13.71 -20.23 -0.56
N ASP B 103 14.26 -21.43 -0.70
CA ASP B 103 15.37 -21.66 -1.63
C ASP B 103 14.94 -21.42 -3.08
N VAL B 104 13.81 -21.96 -3.50
CA VAL B 104 13.36 -21.76 -4.88
C VAL B 104 12.84 -20.33 -5.06
N ASN B 105 11.94 -19.90 -4.18
CA ASN B 105 11.14 -18.72 -4.45
C ASN B 105 11.82 -17.42 -4.12
N LEU B 106 12.86 -17.46 -3.28
CA LEU B 106 13.59 -16.26 -2.91
C LEU B 106 15.04 -16.40 -3.33
N LYS B 107 15.77 -17.39 -2.82
CA LYS B 107 17.17 -17.48 -3.21
C LYS B 107 17.33 -17.73 -4.72
N GLY B 108 16.45 -18.54 -5.31
CA GLY B 108 16.52 -18.84 -6.73
C GLY B 108 16.40 -17.61 -7.60
N VAL B 109 15.59 -16.65 -7.16
CA VAL B 109 15.44 -15.36 -7.84
C VAL B 109 16.77 -14.61 -7.78
N PHE B 110 17.35 -14.52 -6.60
CA PHE B 110 18.68 -13.94 -6.43
C PHE B 110 19.75 -14.61 -7.27
N ASN B 111 19.77 -15.94 -7.30
CA ASN B 111 20.88 -16.67 -7.89
C ASN B 111 21.08 -16.30 -9.35
N LEU B 112 20.00 -16.18 -10.10
CA LEU B 112 20.11 -15.80 -11.51
C LEU B 112 20.13 -14.28 -11.72
N THR B 113 19.35 -13.54 -10.93
CA THR B 113 19.27 -12.11 -11.13
C THR B 113 20.60 -11.43 -10.84
N ARG B 114 21.38 -11.99 -9.92
CA ARG B 114 22.66 -11.38 -9.60
C ARG B 114 23.65 -11.43 -10.76
N LEU B 115 23.37 -12.30 -11.74
CA LEU B 115 24.14 -12.33 -13.00
C LEU B 115 23.46 -11.49 -14.08
N VAL B 116 22.17 -11.70 -14.28
CA VAL B 116 21.47 -11.05 -15.39
C VAL B 116 21.29 -9.54 -15.18
N GLY B 117 20.93 -9.14 -13.96
CA GLY B 117 20.62 -7.75 -13.69
C GLY B 117 21.79 -6.81 -13.90
N PRO B 118 22.95 -7.15 -13.31
CA PRO B 118 24.11 -6.28 -13.53
C PRO B 118 24.50 -6.24 -15.01
N GLN B 119 24.31 -7.35 -15.72
CA GLN B 119 24.54 -7.37 -17.17
C GLN B 119 23.60 -6.42 -17.92
N MET B 120 22.36 -6.31 -17.47
CA MET B 120 21.44 -5.33 -18.05
C MET B 120 21.93 -3.92 -17.73
N GLN B 121 22.39 -3.71 -16.50
CA GLN B 121 22.86 -2.37 -16.11
C GLN B 121 24.06 -1.95 -16.97
N THR B 122 24.96 -2.89 -17.21
CA THR B 122 26.17 -2.63 -17.98
C THR B 122 25.82 -2.40 -19.46
N ASN B 123 24.86 -3.17 -19.98
CA ASN B 123 24.38 -2.94 -21.35
C ASN B 123 23.60 -1.65 -21.50
N GLY B 124 23.05 -1.17 -20.38
CA GLY B 124 22.29 0.05 -20.36
C GLY B 124 20.79 -0.10 -20.60
N TYR B 125 20.30 -1.33 -20.59
CA TYR B 125 18.90 -1.61 -20.88
C TYR B 125 18.47 -2.96 -20.33
N GLY B 126 17.24 -3.05 -19.87
CA GLY B 126 16.64 -4.32 -19.56
C GLY B 126 15.30 -4.16 -18.88
N SER B 127 14.56 -5.28 -18.81
CA SER B 127 13.32 -5.35 -18.04
C SER B 127 13.25 -6.67 -17.31
N ILE B 128 13.08 -6.61 -16.00
CA ILE B 128 12.96 -7.77 -15.14
C ILE B 128 11.57 -7.82 -14.58
N ILE B 129 10.93 -8.98 -14.67
CA ILE B 129 9.59 -9.20 -14.15
C ILE B 129 9.69 -10.33 -13.13
N ASN B 130 9.45 -10.03 -11.86
CA ASN B 130 9.35 -11.02 -10.81
C ASN B 130 7.91 -11.45 -10.62
N ILE B 131 7.69 -12.69 -10.23
CA ILE B 131 6.35 -13.18 -10.00
C ILE B 131 6.14 -13.28 -8.49
N SER B 132 5.30 -12.39 -7.97
CA SER B 132 4.88 -12.43 -6.59
C SER B 132 3.59 -13.26 -6.54
N SER B 133 2.63 -12.83 -5.72
CA SER B 133 1.34 -13.50 -5.58
C SER B 133 0.43 -12.66 -4.70
N VAL B 134 -0.87 -12.78 -4.92
CA VAL B 134 -1.86 -12.25 -3.98
C VAL B 134 -1.55 -12.72 -2.51
N VAL B 135 -0.95 -13.88 -2.37
CA VAL B 135 -0.57 -14.40 -1.05
C VAL B 135 0.54 -13.57 -0.43
N GLY B 136 1.42 -13.02 -1.26
CA GLY B 136 2.45 -12.12 -0.76
C GLY B 136 1.89 -10.76 -0.34
N VAL B 137 0.74 -10.38 -0.91
CA VAL B 137 0.16 -9.09 -0.66
C VAL B 137 -0.79 -9.11 0.54
N PHE B 138 -1.43 -10.25 0.80
CA PHE B 138 -2.46 -10.37 1.83
C PHE B 138 -2.17 -11.46 2.88
N GLY B 139 -1.17 -12.30 2.64
CA GLY B 139 -0.98 -13.49 3.47
C GLY B 139 -2.04 -14.53 3.16
N ASN B 140 -1.81 -15.77 3.57
CA ASN B 140 -2.83 -16.80 3.45
C ASN B 140 -2.59 -17.92 4.44
N ILE B 141 -3.66 -18.37 5.07
CA ILE B 141 -3.59 -19.49 6.01
C ILE B 141 -2.95 -20.72 5.37
N GLY B 142 -2.02 -21.33 6.09
CA GLY B 142 -1.34 -22.52 5.62
C GLY B 142 -0.16 -22.28 4.68
N GLN B 143 0.23 -21.02 4.52
CA GLN B 143 1.25 -20.67 3.54
C GLN B 143 2.26 -19.65 4.03
N ALA B 144 2.65 -19.75 5.30
CA ALA B 144 3.60 -18.79 5.83
C ALA B 144 4.91 -18.76 5.02
N ASN B 145 5.43 -19.95 4.65
CA ASN B 145 6.64 -20.00 3.85
C ASN B 145 6.45 -19.31 2.48
N TYR B 146 5.39 -19.68 1.77
CA TYR B 146 5.10 -19.09 0.47
C TYR B 146 4.88 -17.58 0.57
N ALA B 147 4.07 -17.17 1.55
CA ALA B 147 3.81 -15.74 1.73
C ALA B 147 5.09 -14.96 2.00
N ALA B 148 5.96 -15.50 2.86
CA ALA B 148 7.24 -14.86 3.12
C ALA B 148 8.01 -14.65 1.82
N THR B 149 8.02 -15.66 0.96
CA THR B 149 8.79 -15.52 -0.28
C THR B 149 8.16 -14.53 -1.25
N LYS B 150 6.83 -14.53 -1.35
CA LYS B 150 6.19 -13.72 -2.38
C LYS B 150 6.11 -12.25 -1.93
N ALA B 151 6.07 -12.02 -0.62
CA ALA B 151 6.26 -10.67 -0.10
C ALA B 151 7.72 -10.26 -0.25
N GLY B 152 8.65 -11.19 0.02
CA GLY B 152 10.06 -10.90 -0.12
C GLY B 152 10.47 -10.48 -1.52
N VAL B 153 9.81 -11.07 -2.50
CA VAL B 153 10.07 -10.75 -3.90
C VAL B 153 9.75 -9.30 -4.20
N ILE B 154 8.77 -8.75 -3.50
CA ILE B 154 8.46 -7.32 -3.65
C ILE B 154 9.64 -6.48 -3.12
N GLY B 155 10.22 -6.86 -2.00
CA GLY B 155 11.43 -6.21 -1.50
C GLY B 155 12.57 -6.25 -2.49
N LEU B 156 12.75 -7.40 -3.13
CA LEU B 156 13.78 -7.54 -4.16
C LEU B 156 13.50 -6.62 -5.34
N THR B 157 12.22 -6.59 -5.73
CA THR B 157 11.78 -5.81 -6.89
C THR B 157 12.12 -4.35 -6.71
N MET B 158 11.77 -3.80 -5.55
CA MET B 158 12.00 -2.39 -5.31
C MET B 158 13.50 -2.11 -5.23
N THR B 159 14.24 -2.97 -4.54
CA THR B 159 15.69 -2.81 -4.42
C THR B 159 16.37 -2.80 -5.77
N TRP B 160 16.04 -3.78 -6.61
CA TRP B 160 16.71 -3.88 -7.90
C TRP B 160 16.27 -2.82 -8.93
N ALA B 161 15.01 -2.36 -8.83
CA ALA B 161 14.58 -1.23 -9.63
C ALA B 161 15.46 0.00 -9.34
N LYS B 162 15.89 0.15 -8.11
CA LYS B 162 16.79 1.25 -7.76
C LYS B 162 18.21 0.95 -8.21
N GLU B 163 18.72 -0.23 -7.87
CA GLU B 163 20.14 -0.56 -8.07
C GLU B 163 20.52 -0.65 -9.55
N PHE B 164 19.69 -1.30 -10.36
CA PHE B 164 20.09 -1.61 -11.73
C PHE B 164 19.88 -0.43 -12.66
N ALA B 165 19.21 0.63 -12.17
CA ALA B 165 18.99 1.84 -12.95
C ALA B 165 20.01 2.93 -12.59
N LEU B 166 20.95 2.61 -11.71
CA LEU B 166 21.98 3.59 -11.36
C LEU B 166 22.83 3.96 -12.58
N LYS B 167 23.41 5.15 -12.54
CA LYS B 167 24.34 5.61 -13.58
C LYS B 167 23.67 5.70 -14.96
N GLY B 168 22.38 6.02 -14.95
CA GLY B 168 21.65 6.28 -16.18
C GLY B 168 21.17 5.06 -16.95
N ALA B 169 21.30 3.87 -16.37
CA ALA B 169 20.92 2.66 -17.09
C ALA B 169 19.41 2.53 -17.16
N ASN B 170 18.89 2.24 -18.34
CA ASN B 170 17.45 2.11 -18.55
C ASN B 170 16.97 0.69 -18.28
N VAL B 171 17.12 0.29 -17.02
CA VAL B 171 16.70 -1.03 -16.56
C VAL B 171 15.52 -0.84 -15.62
N ARG B 172 14.42 -1.52 -15.94
CA ARG B 172 13.22 -1.53 -15.14
C ARG B 172 13.03 -2.88 -14.47
N VAL B 173 12.53 -2.84 -13.25
CA VAL B 173 12.23 -4.03 -12.48
C VAL B 173 10.87 -3.88 -11.85
N ASN B 174 9.99 -4.86 -12.13
CA ASN B 174 8.62 -4.86 -11.62
C ASN B 174 8.22 -6.25 -11.21
N ALA B 175 7.10 -6.38 -10.52
CA ALA B 175 6.53 -7.66 -10.18
C ALA B 175 5.09 -7.76 -10.62
N ILE B 176 4.66 -8.97 -10.93
CA ILE B 176 3.25 -9.27 -11.11
C ILE B 176 2.84 -10.13 -9.92
N ALA B 177 1.75 -9.78 -9.27
CA ALA B 177 1.17 -10.59 -8.20
C ALA B 177 -0.13 -11.20 -8.73
N PRO B 178 -0.04 -12.41 -9.29
CA PRO B 178 -1.28 -13.03 -9.76
C PRO B 178 -2.22 -13.39 -8.63
N GLY B 179 -3.51 -13.34 -8.91
CA GLY B 179 -4.51 -13.98 -8.09
C GLY B 179 -4.51 -15.47 -8.37
N TYR B 180 -5.66 -16.09 -8.27
CA TYR B 180 -5.77 -17.53 -8.47
C TYR B 180 -6.04 -17.78 -9.94
N ILE B 181 -5.10 -18.47 -10.56
CA ILE B 181 -5.07 -18.65 -12.01
C ILE B 181 -5.18 -20.12 -12.32
N MET B 182 -6.02 -20.45 -13.29
CA MET B 182 -6.29 -21.83 -13.63
C MET B 182 -5.16 -22.53 -14.37
N THR B 183 -4.11 -22.86 -13.65
CA THR B 183 -3.06 -23.74 -14.15
C THR B 183 -3.44 -25.15 -13.72
N ASP B 184 -2.50 -26.09 -13.75
CA ASP B 184 -2.85 -27.49 -13.62
C ASP B 184 -3.35 -27.90 -12.23
N ILE B 185 -2.67 -27.44 -11.18
CA ILE B 185 -3.07 -27.82 -9.83
C ILE B 185 -4.48 -27.32 -9.48
N LEU B 186 -4.76 -26.04 -9.74
CA LEU B 186 -6.04 -25.48 -9.33
C LEU B 186 -7.22 -26.21 -9.94
N LYS B 187 -7.04 -26.72 -11.15
CA LYS B 187 -8.08 -27.50 -11.82
C LYS B 187 -8.52 -28.71 -11.01
N THR B 188 -7.65 -29.22 -10.13
CA THR B 188 -7.96 -30.41 -9.34
C THR B 188 -8.66 -30.12 -8.02
N VAL B 189 -8.74 -28.85 -7.63
CA VAL B 189 -9.36 -28.47 -6.38
C VAL B 189 -10.88 -28.67 -6.49
N PRO B 190 -11.57 -28.93 -5.36
CA PRO B 190 -13.02 -29.12 -5.49
C PRO B 190 -13.74 -27.88 -6.03
N GLN B 191 -14.80 -28.10 -6.80
CA GLN B 191 -15.53 -27.01 -7.42
C GLN B 191 -16.03 -26.00 -6.38
N ASP B 192 -16.42 -26.50 -5.21
CA ASP B 192 -16.92 -25.65 -4.13
C ASP B 192 -15.88 -24.61 -3.71
N LEU B 193 -14.63 -25.02 -3.73
CA LEU B 193 -13.56 -24.21 -3.28
C LEU B 193 -13.25 -23.20 -4.40
N LEU B 194 -13.24 -23.67 -5.63
CA LEU B 194 -12.98 -22.80 -6.78
C LEU B 194 -14.04 -21.69 -6.81
N ASP B 195 -15.29 -22.04 -6.52
CA ASP B 195 -16.36 -21.04 -6.46
C ASP B 195 -16.11 -20.04 -5.32
N LYS B 196 -15.61 -20.54 -4.19
CA LYS B 196 -15.29 -19.69 -3.04
C LYS B 196 -14.21 -18.67 -3.41
N PHE B 197 -13.17 -19.15 -4.07
CA PHE B 197 -12.06 -18.30 -4.46
C PHE B 197 -12.53 -17.23 -5.46
N ALA B 198 -13.35 -17.68 -6.41
CA ALA B 198 -13.90 -16.76 -7.40
C ALA B 198 -14.72 -15.66 -6.75
N ALA B 199 -15.50 -16.02 -5.73
CA ALA B 199 -16.35 -15.08 -5.02
C ALA B 199 -15.58 -13.99 -4.29
N LEU B 200 -14.28 -14.21 -4.06
CA LEU B 200 -13.43 -13.20 -3.46
C LEU B 200 -12.97 -12.11 -4.44
N THR B 201 -13.28 -12.30 -5.72
CA THR B 201 -12.87 -11.37 -6.77
C THR B 201 -14.06 -10.52 -7.19
N MET B 202 -13.78 -9.32 -7.70
CA MET B 202 -14.83 -8.42 -8.19
C MET B 202 -15.48 -8.96 -9.46
N LEU B 203 -14.73 -9.73 -10.25
CA LEU B 203 -15.25 -10.28 -11.51
C LEU B 203 -15.91 -11.64 -11.32
N ASN B 204 -15.88 -12.15 -10.09
CA ASN B 204 -16.48 -13.45 -9.76
C ASN B 204 -15.98 -14.58 -10.65
N ARG B 205 -14.69 -14.57 -10.94
CA ARG B 205 -14.08 -15.67 -11.68
C ARG B 205 -12.61 -15.73 -11.37
N LEU B 206 -12.04 -16.91 -11.60
CA LEU B 206 -10.58 -17.07 -11.54
C LEU B 206 -9.95 -16.66 -12.88
N GLY B 207 -8.64 -16.50 -12.89
CA GLY B 207 -7.94 -16.03 -14.07
C GLY B 207 -7.46 -17.17 -14.92
N GLN B 208 -7.09 -16.83 -16.15
CA GLN B 208 -6.45 -17.78 -17.07
C GLN B 208 -4.99 -17.40 -17.24
N PRO B 209 -4.13 -18.38 -17.53
CA PRO B 209 -2.69 -18.08 -17.67
C PRO B 209 -2.36 -16.95 -18.64
N GLU B 210 -3.08 -16.87 -19.74
CA GLU B 210 -2.85 -15.85 -20.74
C GLU B 210 -3.05 -14.46 -20.17
N GLU B 211 -3.91 -14.34 -19.18
CA GLU B 211 -4.16 -13.04 -18.54
C GLU B 211 -2.97 -12.53 -17.72
N ILE B 212 -2.15 -13.45 -17.24
CA ILE B 212 -0.86 -13.11 -16.65
C ILE B 212 0.16 -12.80 -17.74
N ALA B 213 0.20 -13.65 -18.77
CA ALA B 213 1.15 -13.45 -19.84
C ALA B 213 1.02 -12.10 -20.52
N LYS B 214 -0.21 -11.64 -20.72
CA LYS B 214 -0.41 -10.34 -21.38
C LYS B 214 0.15 -9.20 -20.54
N VAL B 215 0.05 -9.29 -19.22
CA VAL B 215 0.64 -8.29 -18.36
C VAL B 215 2.17 -8.41 -18.35
N ALA B 216 2.67 -9.64 -18.41
CA ALA B 216 4.11 -9.83 -18.49
C ALA B 216 4.65 -9.24 -19.80
N LEU B 217 3.88 -9.35 -20.88
CA LEU B 217 4.29 -8.76 -22.13
C LEU B 217 4.32 -7.23 -22.07
N PHE B 218 3.29 -6.64 -21.47
CA PHE B 218 3.24 -5.19 -21.25
C PHE B 218 4.51 -4.73 -20.52
N LEU B 219 4.81 -5.37 -19.39
CA LEU B 219 5.96 -4.94 -18.60
C LEU B 219 7.32 -5.14 -19.28
N ALA B 220 7.45 -6.21 -20.06
CA ALA B 220 8.70 -6.48 -20.78
C ALA B 220 8.93 -5.47 -21.89
N SER B 221 7.82 -4.99 -22.45
CA SER B 221 7.85 -4.11 -23.61
C SER B 221 8.08 -2.64 -23.26
N ASP B 222 8.36 -1.85 -24.29
CA ASP B 222 8.57 -0.42 -24.09
C ASP B 222 7.26 0.30 -23.76
N ASP B 223 6.12 -0.41 -23.82
CA ASP B 223 4.85 0.22 -23.44
C ASP B 223 4.91 0.61 -21.94
N ALA B 224 5.70 -0.14 -21.19
CA ALA B 224 5.89 0.10 -19.75
C ALA B 224 7.15 0.89 -19.44
N SER B 225 7.60 1.73 -20.39
CA SER B 225 8.87 2.43 -20.26
C SER B 225 9.00 3.34 -19.05
N TYR B 226 7.88 3.83 -18.51
CA TYR B 226 7.95 4.67 -17.31
C TYR B 226 7.37 3.98 -16.06
N VAL B 227 7.28 2.65 -16.12
CA VAL B 227 6.82 1.83 -14.99
C VAL B 227 8.01 1.06 -14.44
N THR B 228 8.40 1.36 -13.21
CA THR B 228 9.45 0.59 -12.56
C THR B 228 9.27 0.65 -11.05
N GLY B 229 9.75 -0.39 -10.36
CA GLY B 229 9.60 -0.50 -8.91
C GLY B 229 8.23 -0.96 -8.44
N GLN B 230 7.36 -1.35 -9.37
CA GLN B 230 5.97 -1.64 -9.07
C GLN B 230 5.62 -3.10 -8.95
N THR B 231 4.59 -3.38 -8.17
CA THR B 231 3.97 -4.68 -8.12
C THR B 231 2.54 -4.54 -8.63
N ILE B 232 2.27 -5.15 -9.78
CA ILE B 232 0.95 -5.08 -10.40
C ILE B 232 0.13 -6.30 -10.00
N ASN B 233 -0.99 -6.06 -9.33
CA ASN B 233 -1.91 -7.12 -8.96
C ASN B 233 -2.79 -7.48 -10.14
N VAL B 234 -2.75 -8.74 -10.51
CA VAL B 234 -3.55 -9.25 -11.62
C VAL B 234 -4.42 -10.36 -11.03
N ASN B 235 -5.55 -9.98 -10.46
CA ASN B 235 -6.29 -10.84 -9.56
C ASN B 235 -7.78 -10.65 -9.59
N GLY B 236 -8.28 -9.99 -10.65
CA GLY B 236 -9.71 -9.82 -10.77
C GLY B 236 -10.35 -8.99 -9.69
N GLY B 237 -9.54 -8.18 -8.98
CA GLY B 237 -10.05 -7.38 -7.88
C GLY B 237 -10.10 -8.12 -6.55
N MET B 238 -9.33 -9.18 -6.42
CA MET B 238 -9.39 -10.03 -5.23
C MET B 238 -8.93 -9.33 -3.95
N ARG B 239 -9.62 -9.63 -2.85
CA ARG B 239 -9.10 -9.39 -1.52
C ARG B 239 -9.12 -10.75 -0.84
N LEU B 240 -7.98 -11.15 -0.29
CA LEU B 240 -7.81 -12.48 0.26
C LEU B 240 -7.70 -12.41 1.77
N LYS C 2 -0.23 -1.86 35.83
CA LYS C 2 0.63 -1.38 34.74
C LYS C 2 0.19 -2.05 33.44
N LYS C 3 0.61 -1.50 32.30
CA LYS C 3 0.02 -1.86 31.00
C LYS C 3 0.17 -3.34 30.67
N LEU C 4 1.29 -3.93 31.07
CA LEU C 4 1.60 -5.32 30.77
C LEU C 4 1.74 -6.18 32.03
N GLU C 5 1.08 -5.77 33.11
CA GLU C 5 1.21 -6.48 34.37
C GLU C 5 0.77 -7.94 34.24
N GLY C 6 1.66 -8.84 34.61
CA GLY C 6 1.34 -10.26 34.64
C GLY C 6 1.51 -10.93 33.29
N LYS C 7 1.98 -10.17 32.30
CA LYS C 7 2.23 -10.74 30.97
C LYS C 7 3.68 -11.16 30.85
N VAL C 8 3.92 -12.26 30.15
CA VAL C 8 5.26 -12.75 29.87
C VAL C 8 5.62 -12.41 28.43
N ALA C 9 6.74 -11.74 28.24
CA ALA C 9 7.19 -11.24 26.95
C ALA C 9 8.58 -11.75 26.63
N VAL C 10 8.72 -12.32 25.45
CA VAL C 10 10.00 -12.74 24.91
C VAL C 10 10.44 -11.76 23.84
N ILE C 11 11.66 -11.27 23.95
CA ILE C 11 12.27 -10.35 22.98
C ILE C 11 13.53 -10.97 22.43
N THR C 12 13.58 -11.27 21.14
CA THR C 12 14.79 -11.79 20.54
C THR C 12 15.71 -10.61 20.20
N GLY C 13 17.01 -10.85 20.23
CA GLY C 13 17.99 -9.80 20.03
C GLY C 13 17.89 -8.71 21.09
N GLY C 14 17.60 -9.11 22.33
CA GLY C 14 17.34 -8.17 23.42
C GLY C 14 18.52 -7.60 24.18
N ALA C 15 19.75 -7.86 23.76
CA ALA C 15 20.91 -7.44 24.55
C ALA C 15 21.25 -5.96 24.41
N LYS C 16 20.88 -5.35 23.29
CA LYS C 16 21.23 -3.97 23.02
C LYS C 16 20.28 -3.44 21.96
N GLY C 17 20.47 -2.19 21.56
CA GLY C 17 19.72 -1.63 20.43
C GLY C 17 18.22 -1.54 20.67
N LEU C 18 17.42 -1.76 19.63
CA LEU C 18 15.96 -1.66 19.76
C LEU C 18 15.44 -2.73 20.71
N GLY C 19 16.06 -3.90 20.69
CA GLY C 19 15.59 -4.98 21.55
C GLY C 19 15.70 -4.62 23.03
N GLN C 20 16.81 -4.03 23.42
CA GLN C 20 16.99 -3.48 24.77
C GLN C 20 15.91 -2.48 25.11
N ALA C 21 15.69 -1.54 24.20
CA ALA C 21 14.72 -0.50 24.47
C ALA C 21 13.34 -1.08 24.68
N ILE C 22 12.98 -2.04 23.84
CA ILE C 22 11.68 -2.68 23.94
C ILE C 22 11.56 -3.47 25.26
N ALA C 23 12.60 -4.22 25.59
CA ALA C 23 12.58 -4.99 26.84
C ALA C 23 12.39 -4.09 28.04
N LEU C 24 13.12 -2.97 28.07
CA LEU C 24 13.02 -2.06 29.20
C LEU C 24 11.63 -1.40 29.27
N ALA C 25 11.08 -1.02 28.12
CA ALA C 25 9.75 -0.43 28.08
C ALA C 25 8.69 -1.39 28.63
N TYR C 26 8.80 -2.65 28.25
CA TYR C 26 7.88 -3.68 28.70
C TYR C 26 8.05 -3.91 30.20
N ALA C 27 9.30 -3.99 30.66
CA ALA C 27 9.59 -4.28 32.05
C ALA C 27 9.09 -3.15 32.96
N GLU C 28 9.19 -1.92 32.47
CA GLU C 28 8.70 -0.77 33.22
C GLU C 28 7.18 -0.74 33.30
N GLU C 29 6.54 -1.50 32.41
CA GLU C 29 5.09 -1.63 32.45
C GLU C 29 4.62 -2.98 33.00
N GLY C 30 5.46 -3.60 33.83
CA GLY C 30 5.04 -4.75 34.63
C GLY C 30 5.21 -6.12 34.01
N ALA C 31 5.73 -6.19 32.78
CA ALA C 31 5.87 -7.47 32.09
C ALA C 31 7.01 -8.26 32.73
N LYS C 32 6.90 -9.58 32.69
CA LYS C 32 8.03 -10.45 32.97
C LYS C 32 8.71 -10.70 31.64
N VAL C 33 9.91 -10.16 31.46
CA VAL C 33 10.56 -10.15 30.16
C VAL C 33 11.72 -11.14 30.11
N ILE C 34 11.83 -11.87 29.01
CA ILE C 34 12.98 -12.70 28.69
C ILE C 34 13.62 -12.09 27.46
N ALA C 35 14.85 -11.64 27.58
CA ALA C 35 15.64 -11.08 26.49
C ALA C 35 16.64 -12.10 26.02
N GLY C 36 16.40 -12.69 24.86
CA GLY C 36 17.25 -13.70 24.29
C GLY C 36 18.23 -13.09 23.31
N ASP C 37 19.50 -13.48 23.35
CA ASP C 37 20.51 -12.91 22.47
C ASP C 37 21.74 -13.81 22.46
N LEU C 38 22.57 -13.63 21.43
CA LEU C 38 23.87 -14.25 21.33
C LEU C 38 24.81 -13.69 22.39
N GLY C 39 24.57 -12.43 22.72
CA GLY C 39 25.42 -11.70 23.65
C GLY C 39 24.79 -11.51 25.01
N ASP C 40 25.63 -11.28 26.02
CA ASP C 40 25.15 -10.93 27.35
C ASP C 40 24.41 -9.61 27.26
N LEU C 41 23.41 -9.44 28.11
CA LEU C 41 22.72 -8.15 28.16
C LEU C 41 23.67 -7.03 28.55
N THR C 42 23.47 -5.86 27.94
CA THR C 42 24.27 -4.68 28.21
C THR C 42 23.64 -3.81 29.28
N TYR C 43 22.64 -4.35 29.98
CA TYR C 43 21.88 -3.58 30.95
C TYR C 43 21.27 -4.55 31.94
N SER C 44 20.69 -4.00 33.01
CA SER C 44 20.01 -4.75 34.05
C SER C 44 18.65 -4.17 34.36
N HIS C 45 17.69 -5.04 34.62
CA HIS C 45 16.38 -4.68 35.13
C HIS C 45 15.85 -5.89 35.89
N PRO C 46 15.25 -5.67 37.09
CA PRO C 46 14.76 -6.82 37.86
C PRO C 46 13.80 -7.75 37.12
N ASN C 47 13.06 -7.22 36.16
CA ASN C 47 12.10 -8.03 35.43
C ASN C 47 12.51 -8.32 34.01
N VAL C 48 13.79 -8.18 33.72
CA VAL C 48 14.36 -8.72 32.47
C VAL C 48 15.35 -9.82 32.80
N GLU C 49 15.08 -11.04 32.33
CA GLU C 49 16.02 -12.14 32.41
C GLU C 49 16.71 -12.31 31.07
N GLY C 50 18.02 -12.25 31.07
CA GLY C 50 18.80 -12.57 29.89
C GLY C 50 19.00 -14.05 29.73
N MET C 51 18.82 -14.52 28.51
CA MET C 51 19.10 -15.89 28.15
C MET C 51 19.86 -15.95 26.85
N TYR C 52 20.64 -17.00 26.68
CA TYR C 52 21.27 -17.26 25.40
C TYR C 52 20.24 -17.74 24.38
N LEU C 53 20.27 -17.14 23.19
CA LEU C 53 19.37 -17.51 22.10
C LEU C 53 20.07 -17.20 20.81
N ASN C 54 20.18 -18.24 19.97
CA ASN C 54 20.62 -18.08 18.59
C ASN C 54 19.43 -18.46 17.73
N VAL C 55 18.76 -17.48 17.12
CA VAL C 55 17.52 -17.78 16.42
C VAL C 55 17.72 -18.65 15.20
N THR C 56 18.96 -18.80 14.74
CA THR C 56 19.26 -19.67 13.59
C THR C 56 19.49 -21.14 13.95
N ASP C 57 19.68 -21.45 15.22
CA ASP C 57 19.91 -22.82 15.67
C ASP C 57 18.60 -23.44 16.09
N VAL C 58 18.01 -24.24 15.22
CA VAL C 58 16.68 -24.82 15.47
C VAL C 58 16.61 -25.59 16.79
N THR C 59 17.61 -26.41 17.07
CA THR C 59 17.65 -27.19 18.30
C THR C 59 17.74 -26.25 19.52
N GLY C 60 18.61 -25.25 19.41
CA GLY C 60 18.74 -24.25 20.47
C GLY C 60 17.48 -23.45 20.71
N VAL C 61 16.76 -23.12 19.64
CA VAL C 61 15.50 -22.38 19.79
C VAL C 61 14.48 -23.22 20.56
N GLU C 62 14.40 -24.52 20.28
CA GLU C 62 13.50 -25.38 21.01
C GLU C 62 13.86 -25.43 22.50
N LYS C 63 15.16 -25.48 22.80
CA LYS C 63 15.61 -25.55 24.19
C LYS C 63 15.26 -24.25 24.93
N PHE C 64 15.47 -23.12 24.26
CA PHE C 64 15.14 -21.81 24.80
C PHE C 64 13.65 -21.73 25.08
N TYR C 65 12.85 -22.11 24.09
CA TYR C 65 11.40 -22.08 24.23
C TYR C 65 10.93 -22.89 25.42
N GLN C 66 11.41 -24.13 25.49
CA GLN C 66 11.00 -24.98 26.60
C GLN C 66 11.48 -24.42 27.95
N SER C 67 12.65 -23.79 27.98
CA SER C 67 13.15 -23.22 29.22
C SER C 67 12.23 -22.11 29.71
N VAL C 68 11.79 -21.27 28.78
CA VAL C 68 10.88 -20.18 29.10
C VAL C 68 9.53 -20.73 29.59
N ILE C 69 8.96 -21.69 28.86
CA ILE C 69 7.70 -22.29 29.29
C ILE C 69 7.85 -22.95 30.67
N ASP C 70 8.94 -23.65 30.91
CA ASP C 70 9.15 -24.31 32.20
C ASP C 70 9.16 -23.31 33.35
N LYS C 71 9.80 -22.15 33.15
CA LYS C 71 9.96 -21.20 34.23
C LYS C 71 8.77 -20.26 34.35
N TYR C 72 8.26 -19.77 33.22
CA TYR C 72 7.25 -18.71 33.23
C TYR C 72 5.83 -19.19 32.92
N GLY C 73 5.70 -20.43 32.48
CA GLY C 73 4.39 -21.05 32.26
C GLY C 73 3.75 -20.83 30.90
N LYS C 74 3.89 -19.62 30.36
CA LYS C 74 3.26 -19.27 29.10
C LYS C 74 4.03 -18.06 28.55
N ILE C 75 3.83 -17.78 27.27
CA ILE C 75 4.37 -16.60 26.62
C ILE C 75 3.19 -15.85 26.02
N ASP C 76 2.96 -14.63 26.51
CA ASP C 76 1.87 -13.78 26.04
C ASP C 76 2.25 -12.85 24.90
N ILE C 77 3.51 -12.46 24.84
CA ILE C 77 4.01 -11.45 23.91
C ILE C 77 5.33 -11.94 23.34
N LEU C 78 5.49 -11.86 22.02
CA LEU C 78 6.73 -12.18 21.34
C LEU C 78 7.12 -11.04 20.44
N VAL C 79 8.33 -10.54 20.60
CA VAL C 79 8.92 -9.58 19.68
C VAL C 79 10.11 -10.21 18.96
N ASN C 80 9.92 -10.40 17.66
CA ASN C 80 10.95 -11.01 16.81
C ASN C 80 11.83 -9.90 16.26
N ASN C 81 12.80 -9.48 17.08
CA ASN C 81 13.59 -8.30 16.84
C ASN C 81 15.00 -8.58 16.35
N ALA C 82 15.57 -9.74 16.66
CA ALA C 82 16.93 -10.03 16.21
C ALA C 82 17.04 -9.82 14.72
N GLY C 83 18.12 -9.17 14.30
CA GLY C 83 18.33 -8.93 12.89
C GLY C 83 19.71 -8.43 12.59
N ILE C 84 20.16 -8.71 11.38
CA ILE C 84 21.47 -8.30 10.91
C ILE C 84 21.41 -7.75 9.49
N THR C 85 22.47 -7.04 9.08
CA THR C 85 22.68 -6.70 7.69
C THR C 85 24.03 -7.24 7.25
N LYS C 86 24.11 -7.56 5.95
CA LYS C 86 25.37 -7.87 5.30
C LYS C 86 25.27 -7.23 3.92
N ASP C 87 25.56 -5.94 3.86
CA ASP C 87 25.23 -5.14 2.69
C ASP C 87 26.24 -5.36 1.56
N ALA C 88 25.71 -5.33 0.34
CA ALA C 88 26.52 -5.37 -0.87
C ALA C 88 25.64 -5.08 -2.06
N MET C 89 26.19 -4.42 -3.07
CA MET C 89 25.52 -4.38 -4.36
C MET C 89 25.30 -5.82 -4.79
N THR C 90 24.16 -6.07 -5.42
CA THR C 90 23.82 -7.44 -5.84
C THR C 90 24.89 -8.04 -6.76
N ARG C 91 25.53 -7.21 -7.57
CA ARG C 91 26.60 -7.67 -8.46
C ARG C 91 27.76 -8.31 -7.72
N LYS C 92 27.99 -7.89 -6.48
CA LYS C 92 29.10 -8.40 -5.68
C LYS C 92 28.70 -9.27 -4.49
N MET C 93 27.41 -9.29 -4.14
CA MET C 93 26.93 -9.98 -2.95
C MET C 93 27.28 -11.46 -2.99
N THR C 94 27.87 -11.95 -1.90
CA THR C 94 28.30 -13.34 -1.86
C THR C 94 27.17 -14.23 -1.39
N GLU C 95 27.29 -15.52 -1.64
CA GLU C 95 26.30 -16.46 -1.15
C GLU C 95 26.18 -16.38 0.38
N ALA C 96 27.31 -16.23 1.06
CA ALA C 96 27.30 -16.16 2.52
C ALA C 96 26.59 -14.92 3.03
N GLN C 97 26.77 -13.78 2.35
CA GLN C 97 26.05 -12.57 2.73
C GLN C 97 24.55 -12.73 2.57
N TRP C 98 24.15 -13.37 1.49
CA TRP C 98 22.75 -13.66 1.28
C TRP C 98 22.26 -14.60 2.37
N ASP C 99 22.91 -15.75 2.50
CA ASP C 99 22.42 -16.79 3.37
C ASP C 99 22.25 -16.34 4.82
N ALA C 100 23.25 -15.65 5.37
CA ALA C 100 23.23 -15.27 6.77
C ALA C 100 22.05 -14.35 7.09
N VAL C 101 21.79 -13.41 6.21
CA VAL C 101 20.71 -12.45 6.45
C VAL C 101 19.33 -13.13 6.37
N ILE C 102 19.12 -13.99 5.39
CA ILE C 102 17.87 -14.73 5.31
C ILE C 102 17.72 -15.62 6.54
N ASP C 103 18.80 -16.23 7.00
CA ASP C 103 18.70 -17.16 8.09
C ASP C 103 18.31 -16.47 9.40
N VAL C 104 18.92 -15.33 9.72
CA VAL C 104 18.56 -14.61 10.94
C VAL C 104 17.22 -13.92 10.79
N ASN C 105 17.05 -13.16 9.71
CA ASN C 105 15.95 -12.20 9.64
C ASN C 105 14.63 -12.80 9.19
N LEU C 106 14.69 -13.95 8.55
CA LEU C 106 13.47 -14.57 8.03
C LEU C 106 13.30 -15.93 8.69
N LYS C 107 14.23 -16.86 8.47
CA LYS C 107 14.07 -18.17 9.08
C LYS C 107 14.06 -18.09 10.62
N GLY C 108 14.89 -17.23 11.21
CA GLY C 108 14.95 -17.14 12.67
C GLY C 108 13.62 -16.69 13.24
N VAL C 109 12.90 -15.83 12.52
CA VAL C 109 11.56 -15.44 12.93
C VAL C 109 10.62 -16.64 12.92
N PHE C 110 10.65 -17.40 11.83
CA PHE C 110 9.90 -18.65 11.76
C PHE C 110 10.26 -19.65 12.88
N ASN C 111 11.55 -19.83 13.15
CA ASN C 111 12.00 -20.89 14.04
C ASN C 111 11.37 -20.78 15.43
N LEU C 112 11.29 -19.57 15.95
CA LEU C 112 10.72 -19.40 17.28
C LEU C 112 9.22 -19.23 17.20
N THR C 113 8.71 -18.55 16.18
CA THR C 113 7.27 -18.31 16.11
C THR C 113 6.46 -19.60 15.93
N ARG C 114 7.05 -20.59 15.27
CA ARG C 114 6.33 -21.83 15.03
C ARG C 114 6.07 -22.58 16.34
N LEU C 115 6.79 -22.20 17.39
CA LEU C 115 6.56 -22.73 18.74
C LEU C 115 5.65 -21.79 19.53
N VAL C 116 6.00 -20.50 19.57
CA VAL C 116 5.30 -19.53 20.41
C VAL C 116 3.88 -19.24 19.91
N GLY C 117 3.75 -19.08 18.61
CA GLY C 117 2.47 -18.68 18.02
C GLY C 117 1.36 -19.68 18.25
N PRO C 118 1.60 -20.95 17.94
CA PRO C 118 0.58 -21.97 18.20
C PRO C 118 0.25 -22.07 19.69
N GLN C 119 1.24 -21.87 20.55
CA GLN C 119 1.01 -21.83 22.00
C GLN C 119 0.08 -20.70 22.38
N MET C 120 0.21 -19.54 21.75
CA MET C 120 -0.71 -18.43 21.99
C MET C 120 -2.11 -18.78 21.53
N GLN C 121 -2.23 -19.38 20.36
CA GLN C 121 -3.54 -19.78 19.84
C GLN C 121 -4.24 -20.75 20.81
N THR C 122 -3.48 -21.73 21.29
CA THR C 122 -4.01 -22.73 22.21
C THR C 122 -4.41 -22.09 23.53
N ASN C 123 -3.66 -21.07 23.96
CA ASN C 123 -4.00 -20.36 25.19
C ASN C 123 -5.10 -19.33 25.00
N GLY C 124 -5.42 -19.04 23.74
CA GLY C 124 -6.48 -18.09 23.42
C GLY C 124 -6.09 -16.64 23.53
N TYR C 125 -4.79 -16.36 23.64
CA TYR C 125 -4.33 -14.99 23.82
C TYR C 125 -2.87 -14.80 23.43
N GLY C 126 -2.59 -13.70 22.73
CA GLY C 126 -1.22 -13.30 22.52
C GLY C 126 -1.09 -12.07 21.65
N SER C 127 0.11 -11.52 21.63
CA SER C 127 0.47 -10.45 20.72
C SER C 127 1.88 -10.67 20.23
N ILE C 128 2.01 -10.73 18.91
CA ILE C 128 3.31 -10.91 18.26
C ILE C 128 3.63 -9.65 17.50
N ILE C 129 4.85 -9.16 17.69
CA ILE C 129 5.35 -7.98 16.99
C ILE C 129 6.62 -8.39 16.24
N ASN C 130 6.56 -8.30 14.91
CA ASN C 130 7.70 -8.57 14.06
C ASN C 130 8.33 -7.23 13.73
N ILE C 131 9.65 -7.18 13.66
CA ILE C 131 10.35 -5.97 13.28
C ILE C 131 10.75 -6.08 11.81
N SER C 132 10.08 -5.30 10.97
CA SER C 132 10.43 -5.14 9.57
C SER C 132 11.43 -3.99 9.44
N SER C 133 11.29 -3.16 8.42
CA SER C 133 12.12 -1.99 8.21
C SER C 133 11.55 -1.14 7.09
N VAL C 134 11.83 0.16 7.13
CA VAL C 134 11.58 1.03 5.99
C VAL C 134 12.18 0.42 4.71
N VAL C 135 13.27 -0.30 4.85
CA VAL C 135 13.91 -0.96 3.70
C VAL C 135 13.03 -2.08 3.11
N GLY C 136 12.25 -2.75 3.95
CA GLY C 136 11.29 -3.74 3.47
C GLY C 136 10.09 -3.12 2.75
N VAL C 137 9.78 -1.85 3.07
CA VAL C 137 8.63 -1.16 2.52
C VAL C 137 8.97 -0.44 1.22
N PHE C 138 10.22 -0.01 1.07
CA PHE C 138 10.67 0.79 -0.07
C PHE C 138 11.83 0.19 -0.89
N GLY C 139 12.48 -0.85 -0.38
CA GLY C 139 13.72 -1.33 -0.97
C GLY C 139 14.88 -0.40 -0.66
N ASN C 140 16.11 -0.85 -0.86
CA ASN C 140 17.24 0.04 -0.67
C ASN C 140 18.45 -0.51 -1.38
N ILE C 141 19.15 0.37 -2.08
CA ILE C 141 20.39 0.03 -2.77
C ILE C 141 21.39 -0.65 -1.82
N GLY C 142 21.98 -1.73 -2.31
CA GLY C 142 22.99 -2.44 -1.55
C GLY C 142 22.42 -3.41 -0.53
N GLN C 143 21.10 -3.62 -0.54
CA GLN C 143 20.44 -4.38 0.51
C GLN C 143 19.41 -5.37 -0.02
N ALA C 144 19.68 -6.04 -1.13
CA ALA C 144 18.70 -6.98 -1.67
C ALA C 144 18.36 -8.07 -0.67
N ASN C 145 19.38 -8.63 -0.01
CA ASN C 145 19.15 -9.64 1.01
C ASN C 145 18.26 -9.14 2.14
N TYR C 146 18.65 -8.00 2.73
CA TYR C 146 17.93 -7.43 3.86
C TYR C 146 16.49 -7.04 3.46
N ALA C 147 16.34 -6.40 2.32
CA ALA C 147 15.02 -6.00 1.84
C ALA C 147 14.11 -7.21 1.63
N ALA C 148 14.64 -8.29 1.07
CA ALA C 148 13.86 -9.52 0.91
C ALA C 148 13.34 -10.01 2.25
N THR C 149 14.20 -9.95 3.26
CA THR C 149 13.78 -10.43 4.58
C THR C 149 12.76 -9.51 5.23
N LYS C 150 12.94 -8.20 5.09
CA LYS C 150 12.08 -7.29 5.81
C LYS C 150 10.71 -7.14 5.12
N ALA C 151 10.67 -7.29 3.80
CA ALA C 151 9.40 -7.42 3.11
C ALA C 151 8.80 -8.78 3.42
N GLY C 152 9.63 -9.82 3.47
CA GLY C 152 9.13 -11.15 3.80
C GLY C 152 8.44 -11.25 5.14
N VAL C 153 8.97 -10.53 6.12
CA VAL C 153 8.38 -10.46 7.44
C VAL C 153 6.95 -9.94 7.41
N ILE C 154 6.65 -9.06 6.46
CA ILE C 154 5.29 -8.56 6.32
C ILE C 154 4.37 -9.69 5.85
N GLY C 155 4.85 -10.55 4.93
CA GLY C 155 4.09 -11.72 4.52
C GLY C 155 3.82 -12.68 5.68
N LEU C 156 4.82 -12.89 6.53
CA LEU C 156 4.64 -13.71 7.72
C LEU C 156 3.61 -13.08 8.63
N THR C 157 3.72 -11.78 8.81
CA THR C 157 2.85 -11.05 9.73
C THR C 157 1.38 -11.24 9.37
N MET C 158 1.07 -11.03 8.10
CA MET C 158 -0.31 -11.14 7.63
C MET C 158 -0.82 -12.57 7.76
N THR C 159 0.03 -13.52 7.38
CA THR C 159 -0.34 -14.93 7.43
C THR C 159 -0.64 -15.38 8.84
N TRP C 160 0.22 -14.99 9.77
CA TRP C 160 0.08 -15.43 11.15
C TRP C 160 -1.06 -14.72 11.89
N ALA C 161 -1.31 -13.48 11.52
CA ALA C 161 -2.47 -12.76 12.05
C ALA C 161 -3.75 -13.52 11.71
N LYS C 162 -3.77 -14.13 10.54
CA LYS C 162 -4.91 -14.95 10.13
C LYS C 162 -4.90 -16.28 10.87
N GLU C 163 -3.78 -16.99 10.81
CA GLU C 163 -3.73 -18.34 11.35
C GLU C 163 -3.91 -18.42 12.85
N PHE C 164 -3.25 -17.56 13.61
CA PHE C 164 -3.24 -17.74 15.05
C PHE C 164 -4.51 -17.21 15.71
N ALA C 165 -5.36 -16.54 14.95
CA ALA C 165 -6.65 -16.04 15.45
C ALA C 165 -7.79 -16.99 15.09
N LEU C 166 -7.47 -18.13 14.49
CA LEU C 166 -8.52 -19.11 14.17
C LEU C 166 -9.11 -19.67 15.45
N LYS C 167 -10.32 -20.18 15.32
CA LYS C 167 -11.03 -20.83 16.43
C LYS C 167 -11.18 -19.90 17.62
N GLY C 168 -11.40 -18.62 17.32
CA GLY C 168 -11.76 -17.65 18.33
C GLY C 168 -10.65 -17.22 19.26
N ALA C 169 -9.41 -17.52 18.90
CA ALA C 169 -8.26 -17.12 19.72
C ALA C 169 -7.96 -15.64 19.57
N ASN C 170 -7.78 -14.96 20.70
CA ASN C 170 -7.48 -13.53 20.70
C ASN C 170 -5.99 -13.31 20.58
N VAL C 171 -5.46 -13.64 19.39
CA VAL C 171 -4.05 -13.48 19.09
C VAL C 171 -3.90 -12.48 17.97
N ARG C 172 -3.08 -11.45 18.19
CA ARG C 172 -2.81 -10.43 17.21
C ARG C 172 -1.37 -10.54 16.74
N VAL C 173 -1.16 -10.22 15.47
CA VAL C 173 0.18 -10.23 14.89
C VAL C 173 0.32 -8.98 14.04
N ASN C 174 1.34 -8.20 14.33
CA ASN C 174 1.61 -6.95 13.65
C ASN C 174 3.12 -6.82 13.43
N ALA C 175 3.50 -5.88 12.60
CA ALA C 175 4.91 -5.55 12.39
C ALA C 175 5.12 -4.07 12.61
N ILE C 176 6.31 -3.73 13.08
CA ILE C 176 6.78 -2.35 13.09
C ILE C 176 7.87 -2.26 12.03
N ALA C 177 7.79 -1.26 11.17
CA ALA C 177 8.84 -0.94 10.20
C ALA C 177 9.56 0.33 10.60
N PRO C 178 10.64 0.22 11.38
CA PRO C 178 11.31 1.45 11.77
C PRO C 178 12.00 2.12 10.61
N GLY C 179 12.09 3.45 10.67
CA GLY C 179 13.09 4.17 9.93
C GLY C 179 14.43 4.01 10.62
N TYR C 180 15.34 4.94 10.35
CA TYR C 180 16.70 4.83 10.84
C TYR C 180 16.86 5.32 12.25
N ILE C 181 17.44 4.45 13.07
CA ILE C 181 17.69 4.69 14.50
C ILE C 181 19.17 4.36 14.76
N MET C 182 19.95 5.23 15.42
CA MET C 182 21.38 4.93 15.58
C MET C 182 21.54 3.78 16.57
N THR C 183 21.96 2.65 16.02
CA THR C 183 22.32 1.47 16.77
C THR C 183 23.50 0.86 16.05
N ASP C 184 24.06 -0.20 16.62
CA ASP C 184 25.20 -0.86 16.02
C ASP C 184 24.90 -1.49 14.65
N ILE C 185 23.63 -1.64 14.27
CA ILE C 185 23.35 -2.27 12.97
C ILE C 185 23.79 -1.37 11.82
N LEU C 186 23.99 -0.09 12.13
CA LEU C 186 24.37 0.89 11.12
C LEU C 186 25.86 1.12 11.00
N LYS C 187 26.64 0.24 11.62
CA LYS C 187 28.09 0.43 11.69
C LYS C 187 28.78 0.52 10.33
N THR C 188 28.22 -0.11 9.30
CA THR C 188 28.86 -0.13 7.98
C THR C 188 28.25 0.94 7.05
N VAL C 189 27.20 1.62 7.49
CA VAL C 189 26.50 2.57 6.63
C VAL C 189 27.23 3.90 6.66
N PRO C 190 27.73 4.37 5.49
CA PRO C 190 28.43 5.66 5.47
C PRO C 190 27.60 6.82 6.03
N GLN C 191 28.25 7.77 6.71
CA GLN C 191 27.53 8.88 7.30
C GLN C 191 26.79 9.71 6.24
N ASP C 192 27.33 9.80 5.02
CA ASP C 192 26.65 10.54 3.94
C ASP C 192 25.26 9.99 3.74
N LEU C 193 25.12 8.68 3.78
CA LEU C 193 23.80 8.07 3.61
C LEU C 193 22.93 8.32 4.83
N LEU C 194 23.48 8.18 6.04
CA LEU C 194 22.65 8.41 7.22
C LEU C 194 22.11 9.85 7.24
N ASP C 195 22.93 10.79 6.80
CA ASP C 195 22.51 12.18 6.73
C ASP C 195 21.42 12.36 5.66
N LYS C 196 21.59 11.71 4.52
CA LYS C 196 20.54 11.74 3.52
C LYS C 196 19.24 11.16 4.06
N PHE C 197 19.33 10.05 4.78
CA PHE C 197 18.13 9.43 5.32
C PHE C 197 17.39 10.38 6.27
N ALA C 198 18.12 11.07 7.13
CA ALA C 198 17.48 12.03 8.01
C ALA C 198 16.73 13.10 7.22
N ALA C 199 17.33 13.62 6.16
CA ALA C 199 16.71 14.64 5.34
C ALA C 199 15.48 14.16 4.55
N LEU C 200 15.35 12.85 4.38
CA LEU C 200 14.20 12.26 3.70
C LEU C 200 12.98 12.10 4.61
N THR C 201 13.13 12.35 5.90
CA THR C 201 12.01 12.30 6.82
C THR C 201 11.29 13.63 6.87
N MET C 202 10.00 13.60 7.15
CA MET C 202 9.24 14.84 7.31
C MET C 202 9.68 15.63 8.55
N LEU C 203 10.19 14.92 9.55
CA LEU C 203 10.66 15.53 10.80
C LEU C 203 12.13 15.97 10.79
N ASN C 204 12.81 15.66 9.69
CA ASN C 204 14.20 16.02 9.45
C ASN C 204 15.12 15.52 10.54
N ARG C 205 14.94 14.25 10.93
CA ARG C 205 15.78 13.67 11.97
C ARG C 205 15.66 12.17 11.98
N LEU C 206 16.70 11.51 12.49
CA LEU C 206 16.63 10.09 12.78
C LEU C 206 15.80 9.88 14.02
N GLY C 207 15.38 8.64 14.25
CA GLY C 207 14.62 8.29 15.43
C GLY C 207 15.51 7.84 16.57
N GLN C 208 14.92 7.78 17.77
CA GLN C 208 15.58 7.24 18.95
C GLN C 208 14.99 5.87 19.30
N PRO C 209 15.78 4.97 19.92
CA PRO C 209 15.28 3.64 20.23
C PRO C 209 13.98 3.64 21.02
N GLU C 210 13.81 4.57 21.96
CA GLU C 210 12.57 4.63 22.73
C GLU C 210 11.34 4.92 21.87
N GLU C 211 11.53 5.58 20.73
CA GLU C 211 10.42 5.86 19.82
C GLU C 211 9.89 4.61 19.15
N ILE C 212 10.74 3.60 18.98
CA ILE C 212 10.29 2.30 18.52
C ILE C 212 9.67 1.50 19.68
N ALA C 213 10.33 1.54 20.84
CA ALA C 213 9.84 0.83 22.01
C ALA C 213 8.43 1.22 22.37
N LYS C 214 8.12 2.51 22.31
CA LYS C 214 6.79 2.96 22.70
C LYS C 214 5.71 2.39 21.76
N VAL C 215 6.03 2.23 20.48
CA VAL C 215 5.07 1.65 19.55
C VAL C 215 4.96 0.15 19.82
N ALA C 216 6.07 -0.50 20.15
CA ALA C 216 6.03 -1.90 20.52
C ALA C 216 5.19 -2.14 21.77
N LEU C 217 5.26 -1.21 22.71
CA LEU C 217 4.46 -1.30 23.93
C LEU C 217 2.97 -1.16 23.60
N PHE C 218 2.64 -0.17 22.76
CA PHE C 218 1.26 0.01 22.27
C PHE C 218 0.74 -1.31 21.67
N LEU C 219 1.49 -1.91 20.76
CA LEU C 219 1.03 -3.11 20.06
C LEU C 219 0.95 -4.35 20.93
N ALA C 220 1.84 -4.46 21.91
CA ALA C 220 1.81 -5.58 22.84
C ALA C 220 0.62 -5.49 23.78
N SER C 221 0.22 -4.27 24.11
CA SER C 221 -0.83 -4.02 25.08
C SER C 221 -2.22 -4.17 24.51
N ASP C 222 -3.21 -4.25 25.40
CA ASP C 222 -4.59 -4.35 24.97
C ASP C 222 -5.13 -3.03 24.37
N ASP C 223 -4.37 -1.94 24.44
CA ASP C 223 -4.74 -0.71 23.74
C ASP C 223 -4.87 -0.96 22.24
N ALA C 224 -4.07 -1.89 21.72
CA ALA C 224 -4.12 -2.23 20.30
C ALA C 224 -5.01 -3.43 20.02
N SER C 225 -6.01 -3.64 20.87
CA SER C 225 -6.85 -4.83 20.81
C SER C 225 -7.60 -5.04 19.48
N TYR C 226 -7.82 -3.99 18.69
CA TYR C 226 -8.47 -4.16 17.38
C TYR C 226 -7.51 -3.89 16.20
N VAL C 227 -6.20 -3.95 16.47
CA VAL C 227 -5.16 -3.80 15.48
C VAL C 227 -4.48 -5.15 15.26
N THR C 228 -4.67 -5.75 14.08
CA THR C 228 -3.96 -6.97 13.75
C THR C 228 -3.74 -7.02 12.25
N GLY C 229 -2.69 -7.73 11.83
CA GLY C 229 -2.35 -7.87 10.42
C GLY C 229 -1.65 -6.68 9.81
N GLN C 230 -1.22 -5.72 10.64
CA GLN C 230 -0.73 -4.45 10.16
C GLN C 230 0.77 -4.31 10.25
N THR C 231 1.33 -3.44 9.39
CA THR C 231 2.72 -3.04 9.48
C THR C 231 2.69 -1.53 9.71
N ILE C 232 3.15 -1.13 10.88
CA ILE C 232 3.16 0.29 11.27
C ILE C 232 4.53 0.86 10.98
N ASN C 233 4.57 1.85 10.10
CA ASN C 233 5.80 2.57 9.79
C ASN C 233 6.09 3.60 10.86
N VAL C 234 7.27 3.51 11.48
CA VAL C 234 7.69 4.41 12.56
C VAL C 234 9.00 5.01 12.07
N ASN C 235 8.86 6.00 11.21
CA ASN C 235 9.97 6.44 10.37
C ASN C 235 10.03 7.93 10.12
N GLY C 236 9.34 8.71 10.96
CA GLY C 236 9.37 10.15 10.82
C GLY C 236 8.81 10.66 9.51
N GLY C 237 8.03 9.83 8.83
CA GLY C 237 7.42 10.21 7.57
C GLY C 237 8.29 9.99 6.35
N MET C 238 9.34 9.22 6.50
CA MET C 238 10.29 8.96 5.44
C MET C 238 9.66 8.31 4.19
N ARG C 239 10.14 8.71 3.02
CA ARG C 239 10.01 7.91 1.81
C ARG C 239 11.46 7.64 1.39
N LEU C 240 11.84 6.37 1.28
CA LEU C 240 13.21 6.02 0.96
C LEU C 240 13.39 5.66 -0.51
N LYS D 2 0.19 11.96 33.45
CA LYS D 2 -0.75 11.50 32.44
C LYS D 2 -0.27 11.85 31.04
N LYS D 3 -0.77 11.10 30.06
CA LYS D 3 -0.22 11.12 28.70
C LYS D 3 -0.41 12.45 27.97
N LEU D 4 -1.49 13.16 28.27
CA LEU D 4 -1.81 14.41 27.57
C LEU D 4 -1.92 15.58 28.55
N GLU D 5 -1.25 15.48 29.70
CA GLU D 5 -1.41 16.50 30.73
C GLU D 5 -1.07 17.87 30.18
N GLY D 6 -2.00 18.80 30.34
CA GLY D 6 -1.79 20.19 29.96
C GLY D 6 -2.04 20.52 28.50
N LYS D 7 -2.37 19.50 27.70
CA LYS D 7 -2.64 19.72 26.28
C LYS D 7 -4.09 20.13 26.06
N VAL D 8 -4.30 20.95 25.05
CA VAL D 8 -5.62 21.36 24.62
C VAL D 8 -5.95 20.60 23.34
N ALA D 9 -7.05 19.85 23.36
CA ALA D 9 -7.46 19.01 22.23
C ALA D 9 -8.84 19.42 21.72
N VAL D 10 -8.99 19.55 20.40
CA VAL D 10 -10.29 19.75 19.77
C VAL D 10 -10.70 18.46 19.06
N ILE D 11 -11.93 18.01 19.28
CA ILE D 11 -12.47 16.83 18.63
C ILE D 11 -13.75 17.23 17.93
N THR D 12 -13.75 17.17 16.60
CA THR D 12 -14.98 17.46 15.86
C THR D 12 -15.88 16.23 15.90
N GLY D 13 -17.19 16.44 15.80
CA GLY D 13 -18.17 15.38 15.98
C GLY D 13 -18.08 14.70 17.33
N GLY D 14 -17.81 15.47 18.37
CA GLY D 14 -17.55 14.92 19.69
C GLY D 14 -18.74 14.59 20.57
N ALA D 15 -19.96 14.71 20.07
CA ALA D 15 -21.14 14.54 20.92
C ALA D 15 -21.46 13.10 21.26
N LYS D 16 -21.07 12.17 20.40
CA LYS D 16 -21.39 10.76 20.56
C LYS D 16 -20.43 9.93 19.72
N GLY D 17 -20.63 8.61 19.71
CA GLY D 17 -19.89 7.73 18.82
C GLY D 17 -18.40 7.73 19.09
N LEU D 18 -17.59 7.64 18.04
CA LEU D 18 -16.14 7.60 18.20
C LEU D 18 -15.62 8.89 18.81
N GLY D 19 -16.25 10.00 18.46
CA GLY D 19 -15.82 11.29 18.93
C GLY D 19 -15.91 11.39 20.43
N GLN D 20 -17.02 10.89 20.97
CA GLN D 20 -17.20 10.81 22.42
C GLN D 20 -16.14 9.92 23.04
N ALA D 21 -15.89 8.75 22.44
CA ALA D 21 -14.93 7.82 23.02
C ALA D 21 -13.54 8.43 23.05
N ILE D 22 -13.19 9.13 21.98
CA ILE D 22 -11.87 9.75 21.89
C ILE D 22 -11.78 10.89 22.92
N ALA D 23 -12.82 11.72 22.99
CA ALA D 23 -12.85 12.80 23.97
C ALA D 23 -12.65 12.30 25.39
N LEU D 24 -13.33 11.22 25.74
CA LEU D 24 -13.24 10.70 27.11
C LEU D 24 -11.85 10.12 27.38
N ALA D 25 -11.28 9.42 26.40
CA ALA D 25 -9.94 8.88 26.55
C ALA D 25 -8.91 9.98 26.79
N TYR D 26 -9.04 11.06 26.04
CA TYR D 26 -8.16 12.20 26.18
C TYR D 26 -8.35 12.89 27.54
N ALA D 27 -9.60 13.07 27.92
CA ALA D 27 -9.97 13.77 29.14
C ALA D 27 -9.43 13.02 30.35
N GLU D 28 -9.38 11.70 30.26
CA GLU D 28 -8.88 10.87 31.35
C GLU D 28 -7.37 10.91 31.43
N GLU D 29 -6.72 11.44 30.41
CA GLU D 29 -5.27 11.56 30.38
C GLU D 29 -4.80 13.01 30.46
N GLY D 30 -5.63 13.85 31.10
CA GLY D 30 -5.22 15.18 31.49
C GLY D 30 -5.41 16.28 30.48
N ALA D 31 -5.99 15.96 29.33
CA ALA D 31 -6.17 16.97 28.30
C ALA D 31 -7.40 17.80 28.60
N LYS D 32 -7.38 19.06 28.18
CA LYS D 32 -8.61 19.84 28.15
C LYS D 32 -9.20 19.69 26.77
N VAL D 33 -10.39 19.12 26.72
CA VAL D 33 -11.00 18.73 25.48
C VAL D 33 -12.16 19.66 25.13
N ILE D 34 -12.13 20.17 23.91
CA ILE D 34 -13.27 20.86 23.34
C ILE D 34 -13.91 19.91 22.31
N ALA D 35 -15.14 19.49 22.60
CA ALA D 35 -15.91 18.63 21.72
C ALA D 35 -16.89 19.47 20.92
N GLY D 36 -16.61 19.65 19.65
CA GLY D 36 -17.44 20.44 18.77
C GLY D 36 -18.41 19.56 18.02
N ASP D 37 -19.68 19.94 17.97
CA ASP D 37 -20.67 19.14 17.30
C ASP D 37 -21.90 19.99 17.00
N LEU D 38 -22.73 19.49 16.11
CA LEU D 38 -24.05 20.06 15.86
C LEU D 38 -24.99 19.79 17.03
N GLY D 39 -24.85 18.62 17.64
CA GLY D 39 -25.71 18.20 18.72
C GLY D 39 -25.12 18.44 20.09
N ASP D 40 -25.98 18.52 21.11
CA ASP D 40 -25.52 18.58 22.49
C ASP D 40 -24.77 17.30 22.82
N LEU D 41 -23.75 17.41 23.66
CA LEU D 41 -23.04 16.23 24.13
C LEU D 41 -23.99 15.27 24.82
N THR D 42 -23.78 13.97 24.61
CA THR D 42 -24.61 12.93 25.21
C THR D 42 -24.00 12.41 26.51
N TYR D 43 -23.02 13.14 27.02
CA TYR D 43 -22.21 12.71 28.16
C TYR D 43 -21.60 13.96 28.77
N SER D 44 -21.00 13.82 29.95
CA SER D 44 -20.27 14.91 30.58
C SER D 44 -18.97 14.40 31.18
N HIS D 45 -18.02 15.31 31.32
CA HIS D 45 -16.74 15.00 31.96
C HIS D 45 -16.10 16.33 32.35
N PRO D 46 -15.44 16.39 33.52
CA PRO D 46 -14.90 17.69 33.96
C PRO D 46 -13.90 18.32 32.99
N ASN D 47 -13.30 17.50 32.14
CA ASN D 47 -12.30 17.94 31.19
C ASN D 47 -12.81 18.03 29.75
N VAL D 48 -14.12 17.86 29.55
CA VAL D 48 -14.72 18.04 28.23
C VAL D 48 -15.71 19.20 28.24
N GLU D 49 -15.52 20.14 27.32
CA GLU D 49 -16.45 21.23 27.10
C GLU D 49 -17.09 21.11 25.72
N GLY D 50 -18.42 21.15 25.68
CA GLY D 50 -19.10 21.12 24.40
C GLY D 50 -19.22 22.50 23.81
N MET D 51 -19.02 22.60 22.51
CA MET D 51 -19.27 23.82 21.75
C MET D 51 -19.97 23.50 20.45
N TYR D 52 -20.82 24.40 19.98
CA TYR D 52 -21.43 24.21 18.68
C TYR D 52 -20.39 24.33 17.60
N LEU D 53 -20.37 23.36 16.69
CA LEU D 53 -19.49 23.41 15.54
C LEU D 53 -20.20 22.72 14.39
N ASN D 54 -20.31 23.43 13.27
CA ASN D 54 -20.72 22.84 12.01
C ASN D 54 -19.52 22.94 11.08
N VAL D 55 -18.85 21.82 10.80
CA VAL D 55 -17.61 21.87 10.04
C VAL D 55 -17.79 22.38 8.62
N THR D 56 -19.04 22.40 8.12
CA THR D 56 -19.31 22.85 6.76
C THR D 56 -19.55 24.36 6.63
N ASP D 57 -19.74 25.04 7.75
CA ASP D 57 -19.95 26.48 7.76
C ASP D 57 -18.65 27.21 8.01
N VAL D 58 -18.05 27.73 6.96
CA VAL D 58 -16.72 28.27 7.01
C VAL D 58 -16.60 29.41 8.02
N THR D 59 -17.58 30.32 8.02
CA THR D 59 -17.58 31.45 8.93
C THR D 59 -17.70 30.98 10.38
N GLY D 60 -18.59 30.03 10.62
CA GLY D 60 -18.76 29.47 11.95
C GLY D 60 -17.52 28.74 12.45
N VAL D 61 -16.84 28.04 11.56
CA VAL D 61 -15.61 27.36 11.93
C VAL D 61 -14.56 28.36 12.39
N GLU D 62 -14.44 29.48 11.71
CA GLU D 62 -13.53 30.53 12.13
C GLU D 62 -13.88 31.06 13.53
N LYS D 63 -15.16 31.27 13.78
CA LYS D 63 -15.65 31.74 15.09
C LYS D 63 -15.32 30.72 16.19
N PHE D 64 -15.58 29.45 15.92
CA PHE D 64 -15.26 28.37 16.85
C PHE D 64 -13.76 28.38 17.17
N TYR D 65 -12.93 28.38 16.14
CA TYR D 65 -11.48 28.39 16.30
C TYR D 65 -11.03 29.57 17.16
N GLN D 66 -11.50 30.77 16.82
CA GLN D 66 -11.04 31.94 17.57
C GLN D 66 -11.51 31.89 19.02
N SER D 67 -12.68 31.31 19.26
CA SER D 67 -13.16 31.17 20.63
C SER D 67 -12.26 30.25 21.46
N VAL D 68 -11.83 29.15 20.86
CA VAL D 68 -10.96 28.21 21.56
C VAL D 68 -9.59 28.84 21.84
N ILE D 69 -9.05 29.55 20.86
CA ILE D 69 -7.77 30.23 21.04
C ILE D 69 -7.88 31.32 22.12
N ASP D 70 -8.98 32.06 22.11
CA ASP D 70 -9.18 33.09 23.13
C ASP D 70 -9.22 32.50 24.52
N LYS D 71 -9.85 31.35 24.68
CA LYS D 71 -9.99 30.73 25.99
C LYS D 71 -8.70 30.08 26.48
N TYR D 72 -8.06 29.29 25.62
CA TYR D 72 -6.91 28.48 26.03
C TYR D 72 -5.57 28.87 25.44
N GLY D 73 -5.56 29.78 24.48
CA GLY D 73 -4.33 30.31 23.93
C GLY D 73 -3.75 29.51 22.77
N LYS D 74 -3.98 28.21 22.77
CA LYS D 74 -3.48 27.36 21.69
C LYS D 74 -4.25 26.07 21.62
N ILE D 75 -4.08 25.36 20.49
CA ILE D 75 -4.63 24.02 20.29
C ILE D 75 -3.47 23.08 19.99
N ASP D 76 -3.27 22.07 20.82
CA ASP D 76 -2.15 21.12 20.68
C ASP D 76 -2.49 19.90 19.85
N ILE D 77 -3.76 19.51 19.89
CA ILE D 77 -4.21 18.25 19.30
C ILE D 77 -5.52 18.53 18.59
N LEU D 78 -5.67 18.03 17.36
CA LEU D 78 -6.92 18.14 16.62
C LEU D 78 -7.30 16.75 16.11
N VAL D 79 -8.54 16.34 16.38
CA VAL D 79 -9.10 15.15 15.80
C VAL D 79 -10.27 15.51 14.90
N ASN D 80 -10.08 15.31 13.60
CA ASN D 80 -11.09 15.58 12.61
C ASN D 80 -11.97 14.36 12.42
N ASN D 81 -12.92 14.19 13.33
CA ASN D 81 -13.74 12.99 13.42
C ASN D 81 -15.16 13.13 12.84
N ALA D 82 -15.74 14.32 12.84
CA ALA D 82 -17.07 14.49 12.26
C ALA D 82 -17.17 13.85 10.87
N GLY D 83 -18.23 13.10 10.65
CA GLY D 83 -18.40 12.42 9.37
C GLY D 83 -19.79 11.87 9.25
N ILE D 84 -20.23 11.73 8.01
CA ILE D 84 -21.56 11.22 7.69
C ILE D 84 -21.49 10.26 6.52
N THR D 85 -22.55 9.48 6.35
CA THR D 85 -22.77 8.74 5.12
C THR D 85 -24.10 9.17 4.47
N LYS D 86 -24.16 9.04 3.15
CA LYS D 86 -25.40 9.15 2.40
C LYS D 86 -25.26 8.10 1.28
N ASP D 87 -25.54 6.85 1.62
CA ASP D 87 -25.20 5.73 0.75
C ASP D 87 -26.16 5.60 -0.40
N ALA D 88 -25.63 5.17 -1.53
CA ALA D 88 -26.41 4.83 -2.71
C ALA D 88 -25.46 4.23 -3.73
N MET D 89 -25.96 3.27 -4.49
CA MET D 89 -25.22 2.84 -5.66
C MET D 89 -24.99 4.06 -6.54
N THR D 90 -23.83 4.12 -7.20
CA THR D 90 -23.53 5.28 -8.05
C THR D 90 -24.59 5.48 -9.14
N ARG D 91 -25.18 4.39 -9.63
CA ARG D 91 -26.27 4.43 -10.59
C ARG D 91 -27.43 5.33 -10.15
N LYS D 92 -27.68 5.39 -8.84
CA LYS D 92 -28.84 6.09 -8.28
C LYS D 92 -28.47 7.32 -7.43
N MET D 93 -27.20 7.44 -7.03
CA MET D 93 -26.79 8.49 -6.13
C MET D 93 -27.17 9.87 -6.65
N THR D 94 -27.78 10.68 -5.79
CA THR D 94 -28.17 12.02 -6.17
C THR D 94 -27.03 13.00 -5.97
N GLU D 95 -27.17 14.17 -6.57
CA GLU D 95 -26.19 15.22 -6.41
C GLU D 95 -26.10 15.63 -4.94
N ALA D 96 -27.25 15.69 -4.25
CA ALA D 96 -27.28 16.08 -2.85
C ALA D 96 -26.57 15.04 -1.97
N GLN D 97 -26.70 13.77 -2.32
CA GLN D 97 -26.04 12.73 -1.54
C GLN D 97 -24.53 12.83 -1.71
N TRP D 98 -24.09 13.10 -2.93
CA TRP D 98 -22.68 13.34 -3.19
C TRP D 98 -22.20 14.58 -2.42
N ASP D 99 -22.89 15.69 -2.62
CA ASP D 99 -22.40 16.98 -2.15
C ASP D 99 -22.25 17.01 -0.64
N ALA D 100 -23.25 16.49 0.08
CA ALA D 100 -23.25 16.58 1.53
C ALA D 100 -22.07 15.80 2.14
N VAL D 101 -21.81 14.62 1.61
CA VAL D 101 -20.73 13.80 2.13
C VAL D 101 -19.34 14.40 1.85
N ILE D 102 -19.12 14.93 0.66
CA ILE D 102 -17.86 15.61 0.37
C ILE D 102 -17.71 16.83 1.28
N ASP D 103 -18.81 17.55 1.52
CA ASP D 103 -18.74 18.78 2.28
C ASP D 103 -18.35 18.52 3.74
N VAL D 104 -19.00 17.57 4.39
CA VAL D 104 -18.65 17.25 5.77
C VAL D 104 -17.29 16.55 5.85
N ASN D 105 -17.14 15.48 5.08
CA ASN D 105 -16.05 14.56 5.32
C ASN D 105 -14.72 14.97 4.73
N LEU D 106 -14.73 15.85 3.73
CA LEU D 106 -13.50 16.30 3.11
C LEU D 106 -13.30 17.80 3.33
N LYS D 107 -14.21 18.64 2.84
CA LYS D 107 -14.04 20.07 3.00
C LYS D 107 -14.07 20.45 4.48
N GLY D 108 -14.93 19.81 5.27
CA GLY D 108 -15.02 20.11 6.70
C GLY D 108 -13.71 19.92 7.43
N VAL D 109 -12.96 18.91 7.00
CA VAL D 109 -11.63 18.64 7.53
C VAL D 109 -10.70 19.80 7.18
N PHE D 110 -10.70 20.21 5.93
CA PHE D 110 -9.92 21.37 5.49
C PHE D 110 -10.31 22.65 6.25
N ASN D 111 -11.61 22.88 6.43
CA ASN D 111 -12.09 24.16 6.95
C ASN D 111 -11.46 24.48 8.31
N LEU D 112 -11.38 23.50 9.20
CA LEU D 112 -10.81 23.73 10.51
C LEU D 112 -9.31 23.54 10.52
N THR D 113 -8.81 22.58 9.75
CA THR D 113 -7.37 22.30 9.79
C THR D 113 -6.57 23.46 9.21
N ARG D 114 -7.13 24.19 8.25
CA ARG D 114 -6.39 25.29 7.66
C ARG D 114 -6.14 26.41 8.67
N LEU D 115 -6.88 26.40 9.77
CA LEU D 115 -6.64 27.32 10.91
C LEU D 115 -5.76 26.67 11.96
N VAL D 116 -6.10 25.46 12.37
CA VAL D 116 -5.38 24.83 13.48
C VAL D 116 -3.95 24.39 13.12
N GLY D 117 -3.78 23.80 11.94
CA GLY D 117 -2.51 23.22 11.55
C GLY D 117 -1.41 24.25 11.44
N PRO D 118 -1.67 25.37 10.74
CA PRO D 118 -0.62 26.40 10.69
C PRO D 118 -0.29 27.00 12.04
N GLN D 119 -1.28 27.07 12.92
CA GLN D 119 -1.06 27.50 14.30
C GLN D 119 -0.14 26.53 15.03
N MET D 120 -0.30 25.23 14.79
CA MET D 120 0.60 24.26 15.38
C MET D 120 2.01 24.43 14.82
N GLN D 121 2.12 24.63 13.53
CA GLN D 121 3.41 24.87 12.87
C GLN D 121 4.13 26.09 13.48
N THR D 122 3.40 27.18 13.66
CA THR D 122 3.96 28.39 14.24
C THR D 122 4.35 28.19 15.71
N ASN D 123 3.54 27.42 16.44
CA ASN D 123 3.84 27.13 17.83
C ASN D 123 4.97 26.11 17.97
N GLY D 124 5.26 25.39 16.89
CA GLY D 124 6.33 24.41 16.88
C GLY D 124 5.95 23.04 17.41
N TYR D 125 4.65 22.79 17.60
CA TYR D 125 4.20 21.54 18.21
C TYR D 125 2.74 21.25 17.92
N GLY D 126 2.44 19.99 17.58
CA GLY D 126 1.07 19.54 17.56
C GLY D 126 0.93 18.12 17.06
N SER D 127 -0.27 17.58 17.21
CA SER D 127 -0.63 16.30 16.65
C SER D 127 -2.04 16.36 16.07
N ILE D 128 -2.20 15.99 14.79
CA ILE D 128 -3.49 15.99 14.12
C ILE D 128 -3.81 14.54 13.78
N ILE D 129 -5.03 14.11 14.10
CA ILE D 129 -5.51 12.77 13.79
C ILE D 129 -6.75 12.93 12.93
N ASN D 130 -6.68 12.46 11.69
CA ASN D 130 -7.81 12.42 10.81
C ASN D 130 -8.47 11.05 10.90
N ILE D 131 -9.78 10.98 10.70
CA ILE D 131 -10.47 9.69 10.71
C ILE D 131 -10.84 9.33 9.28
N SER D 132 -10.15 8.32 8.76
CA SER D 132 -10.46 7.74 7.46
C SER D 132 -11.47 6.61 7.69
N SER D 133 -11.30 5.49 7.00
CA SER D 133 -12.19 4.32 7.14
C SER D 133 -11.60 3.20 6.31
N VAL D 134 -11.87 1.97 6.73
CA VAL D 134 -11.62 0.80 5.88
C VAL D 134 -12.19 1.01 4.44
N VAL D 135 -13.29 1.74 4.36
CA VAL D 135 -13.93 2.03 3.07
C VAL D 135 -13.02 2.91 2.19
N GLY D 136 -12.23 3.80 2.79
CA GLY D 136 -11.29 4.59 2.02
C GLY D 136 -10.10 3.77 1.53
N VAL D 137 -9.80 2.66 2.22
CA VAL D 137 -8.65 1.83 1.89
C VAL D 137 -9.01 0.76 0.86
N PHE D 138 -10.26 0.29 0.88
CA PHE D 138 -10.71 -0.82 0.03
C PHE D 138 -11.84 -0.48 -0.94
N GLY D 139 -12.47 0.66 -0.76
CA GLY D 139 -13.74 0.94 -1.45
C GLY D 139 -14.88 0.15 -0.83
N ASN D 140 -16.12 0.52 -1.14
CA ASN D 140 -17.26 -0.29 -0.72
C ASN D 140 -18.47 0.01 -1.57
N ILE D 141 -19.17 -1.07 -1.93
CA ILE D 141 -20.39 -0.96 -2.70
C ILE D 141 -21.38 -0.04 -2.00
N GLY D 142 -21.97 0.89 -2.77
CA GLY D 142 -22.96 1.80 -2.23
C GLY D 142 -22.41 3.03 -1.59
N GLN D 143 -21.10 3.24 -1.69
CA GLN D 143 -20.44 4.32 -0.95
C GLN D 143 -19.35 5.05 -1.72
N ALA D 144 -19.56 5.33 -3.00
CA ALA D 144 -18.54 6.05 -3.78
C ALA D 144 -18.24 7.43 -3.17
N ASN D 145 -19.27 8.15 -2.73
CA ASN D 145 -19.07 9.44 -2.09
C ASN D 145 -18.22 9.32 -0.83
N TYR D 146 -18.61 8.40 0.04
CA TYR D 146 -17.90 8.20 1.29
C TYR D 146 -16.48 7.73 1.05
N ALA D 147 -16.32 6.75 0.16
CA ALA D 147 -14.99 6.25 -0.15
C ALA D 147 -14.08 7.33 -0.70
N ALA D 148 -14.60 8.19 -1.57
CA ALA D 148 -13.82 9.31 -2.10
C ALA D 148 -13.32 10.17 -0.95
N THR D 149 -14.19 10.45 0.01
CA THR D 149 -13.78 11.32 1.11
C THR D 149 -12.76 10.63 2.01
N LYS D 150 -12.92 9.34 2.27
CA LYS D 150 -12.07 8.70 3.26
C LYS D 150 -10.71 8.34 2.67
N ALA D 151 -10.66 8.07 1.38
CA ALA D 151 -9.39 8.02 0.67
C ALA D 151 -8.78 9.43 0.54
N GLY D 152 -9.61 10.43 0.25
CA GLY D 152 -9.15 11.81 0.16
C GLY D 152 -8.46 12.30 1.42
N VAL D 153 -8.99 11.88 2.56
CA VAL D 153 -8.43 12.23 3.87
C VAL D 153 -7.00 11.71 4.00
N ILE D 154 -6.70 10.59 3.37
CA ILE D 154 -5.33 10.08 3.37
C ILE D 154 -4.41 11.03 2.61
N GLY D 155 -4.84 11.55 1.47
CA GLY D 155 -4.08 12.56 0.75
C GLY D 155 -3.84 13.81 1.56
N LEU D 156 -4.86 14.25 2.28
CA LEU D 156 -4.72 15.40 3.17
C LEU D 156 -3.69 15.11 4.27
N THR D 157 -3.79 13.91 4.83
CA THR D 157 -2.94 13.50 5.95
C THR D 157 -1.47 13.59 5.56
N MET D 158 -1.14 13.00 4.40
CA MET D 158 0.25 12.97 3.95
C MET D 158 0.75 14.37 3.62
N THR D 159 -0.09 15.15 2.95
CA THR D 159 0.28 16.52 2.58
C THR D 159 0.57 17.37 3.81
N TRP D 160 -0.29 17.26 4.81
CA TRP D 160 -0.16 18.09 5.99
C TRP D 160 0.97 17.64 6.89
N ALA D 161 1.23 16.33 6.92
CA ALA D 161 2.38 15.80 7.67
C ALA D 161 3.66 16.43 7.12
N LYS D 162 3.72 16.64 5.80
CA LYS D 162 4.86 17.34 5.21
C LYS D 162 4.83 18.84 5.52
N GLU D 163 3.70 19.49 5.24
CA GLU D 163 3.62 20.95 5.32
C GLU D 163 3.82 21.50 6.71
N PHE D 164 3.14 20.90 7.67
CA PHE D 164 3.11 21.49 9.02
C PHE D 164 4.37 21.17 9.82
N ALA D 165 5.24 20.29 9.32
CA ALA D 165 6.52 20.02 9.96
C ALA D 165 7.67 20.81 9.34
N LEU D 166 7.36 21.75 8.46
CA LEU D 166 8.41 22.56 7.86
C LEU D 166 9.04 23.44 8.94
N LYS D 167 10.29 23.84 8.67
CA LYS D 167 11.03 24.77 9.52
C LYS D 167 11.21 24.23 10.94
N GLY D 168 11.34 22.92 11.04
CA GLY D 168 11.68 22.28 12.30
C GLY D 168 10.52 22.13 13.25
N ALA D 169 9.30 22.37 12.79
CA ALA D 169 8.16 22.25 13.68
C ALA D 169 7.84 20.81 14.02
N ASN D 170 7.63 20.52 15.31
CA ASN D 170 7.31 19.17 15.75
C ASN D 170 5.81 18.92 15.68
N VAL D 171 5.30 18.90 14.45
CA VAL D 171 3.90 18.67 14.18
C VAL D 171 3.77 17.37 13.41
N ARG D 172 2.93 16.47 13.93
CA ARG D 172 2.67 15.17 13.32
C ARG D 172 1.23 15.11 12.85
N VAL D 173 1.00 14.47 11.71
CA VAL D 173 -0.34 14.30 11.14
C VAL D 173 -0.48 12.86 10.71
N ASN D 174 -1.50 12.19 11.24
CA ASN D 174 -1.74 10.79 10.93
C ASN D 174 -3.25 10.60 10.77
N ALA D 175 -3.63 9.46 10.22
CA ALA D 175 -5.03 9.08 10.12
C ALA D 175 -5.26 7.73 10.79
N ILE D 176 -6.45 7.54 11.32
CA ILE D 176 -6.93 6.22 11.74
C ILE D 176 -8.01 5.80 10.74
N ALA D 177 -7.89 4.59 10.23
CA ALA D 177 -8.94 4.01 9.36
C ALA D 177 -9.64 2.90 10.12
N PRO D 178 -10.74 3.24 10.81
CA PRO D 178 -11.46 2.19 11.54
C PRO D 178 -12.12 1.22 10.61
N GLY D 179 -12.21 -0.04 11.04
CA GLY D 179 -13.17 -0.95 10.47
C GLY D 179 -14.53 -0.64 11.04
N TYR D 180 -15.38 -1.65 11.16
CA TYR D 180 -16.76 -1.45 11.56
C TYR D 180 -16.86 -1.47 13.08
N ILE D 181 -17.27 -0.33 13.62
CA ILE D 181 -17.30 -0.09 15.04
C ILE D 181 -18.74 0.18 15.43
N MET D 182 -19.14 -0.42 16.54
CA MET D 182 -20.52 -0.26 16.98
C MET D 182 -20.87 1.17 17.43
N THR D 183 -21.38 1.97 16.48
CA THR D 183 -21.92 3.32 16.76
C THR D 183 -23.23 3.53 16.00
N ASP D 184 -23.82 4.71 16.15
CA ASP D 184 -25.06 5.06 15.46
C ASP D 184 -24.94 5.14 13.93
N ILE D 185 -23.72 5.33 13.40
CA ILE D 185 -23.55 5.43 11.95
C ILE D 185 -23.89 4.09 11.28
N LEU D 186 -23.92 3.01 12.06
CA LEU D 186 -24.29 1.69 11.53
C LEU D 186 -25.77 1.34 11.69
N LYS D 187 -26.58 2.32 12.09
CA LYS D 187 -28.03 2.15 12.21
C LYS D 187 -28.68 1.65 10.93
N THR D 188 -28.23 2.20 9.80
CA THR D 188 -28.90 1.99 8.53
C THR D 188 -28.36 0.78 7.77
N VAL D 189 -27.33 0.13 8.32
CA VAL D 189 -26.73 -1.01 7.66
C VAL D 189 -27.47 -2.29 8.09
N PRO D 190 -28.00 -3.06 7.12
CA PRO D 190 -28.74 -4.27 7.50
C PRO D 190 -27.88 -5.25 8.31
N GLN D 191 -28.51 -5.87 9.29
CA GLN D 191 -27.84 -6.76 10.22
C GLN D 191 -27.11 -7.93 9.53
N ASP D 192 -27.65 -8.41 8.43
CA ASP D 192 -27.01 -9.50 7.69
C ASP D 192 -25.65 -9.05 7.19
N LEU D 193 -25.57 -7.83 6.67
CA LEU D 193 -24.32 -7.26 6.18
C LEU D 193 -23.35 -7.03 7.33
N LEU D 194 -23.84 -6.70 8.52
CA LEU D 194 -23.00 -6.55 9.72
C LEU D 194 -22.31 -7.86 10.06
N ASP D 195 -23.06 -8.96 9.99
CA ASP D 195 -22.53 -10.28 10.31
C ASP D 195 -21.47 -10.66 9.30
N LYS D 196 -21.72 -10.31 8.05
CA LYS D 196 -20.76 -10.52 6.98
C LYS D 196 -19.49 -9.74 7.28
N PHE D 197 -19.64 -8.49 7.71
CA PHE D 197 -18.50 -7.63 8.01
C PHE D 197 -17.64 -8.26 9.11
N ALA D 198 -18.28 -8.79 10.16
CA ALA D 198 -17.50 -9.41 11.23
C ALA D 198 -16.70 -10.60 10.73
N ALA D 199 -17.31 -11.41 9.86
CA ALA D 199 -16.64 -12.58 9.33
C ALA D 199 -15.49 -12.24 8.39
N LEU D 200 -15.43 -11.00 7.91
CA LEU D 200 -14.33 -10.55 7.06
C LEU D 200 -13.11 -10.13 7.87
N THR D 201 -13.25 -10.09 9.20
CA THR D 201 -12.12 -9.72 10.07
C THR D 201 -11.41 -10.97 10.54
N MET D 202 -10.13 -10.83 10.86
CA MET D 202 -9.36 -11.95 11.40
C MET D 202 -9.78 -12.33 12.81
N LEU D 203 -10.27 -11.36 13.56
CA LEU D 203 -10.74 -11.56 14.92
C LEU D 203 -12.21 -12.01 14.99
N ASN D 204 -12.87 -12.05 13.83
CA ASN D 204 -14.27 -12.46 13.75
C ASN D 204 -15.20 -11.67 14.67
N ARG D 205 -15.03 -10.36 14.69
CA ARG D 205 -15.91 -9.48 15.48
C ARG D 205 -15.82 -8.06 15.00
N LEU D 206 -16.86 -7.27 15.26
CA LEU D 206 -16.79 -5.82 15.10
C LEU D 206 -15.98 -5.19 16.23
N GLY D 207 -15.58 -3.94 16.06
CA GLY D 207 -14.81 -3.23 17.08
C GLY D 207 -15.71 -2.44 18.03
N GLN D 208 -15.14 -2.01 19.14
CA GLN D 208 -15.82 -1.14 20.10
C GLN D 208 -15.21 0.27 20.03
N PRO D 209 -16.00 1.32 20.35
CA PRO D 209 -15.45 2.67 20.20
C PRO D 209 -14.16 2.91 20.95
N GLU D 210 -14.04 2.32 22.13
CA GLU D 210 -12.83 2.47 22.93
C GLU D 210 -11.58 1.96 22.22
N GLU D 211 -11.74 0.96 21.34
CA GLU D 211 -10.63 0.42 20.58
C GLU D 211 -10.08 1.40 19.55
N ILE D 212 -10.92 2.32 19.08
CA ILE D 212 -10.43 3.42 18.27
C ILE D 212 -9.82 4.52 19.16
N ALA D 213 -10.51 4.85 20.27
CA ALA D 213 -10.05 5.88 21.18
C ALA D 213 -8.64 5.61 21.68
N LYS D 214 -8.31 4.36 21.99
CA LYS D 214 -6.97 4.05 22.50
C LYS D 214 -5.90 4.31 21.44
N VAL D 215 -6.22 4.09 20.17
CA VAL D 215 -5.27 4.38 19.10
C VAL D 215 -5.15 5.89 18.91
N ALA D 216 -6.27 6.61 19.02
CA ALA D 216 -6.23 8.07 18.93
C ALA D 216 -5.39 8.66 20.07
N LEU D 217 -5.45 8.04 21.24
CA LEU D 217 -4.64 8.49 22.38
C LEU D 217 -3.17 8.25 22.12
N PHE D 218 -2.83 7.07 21.62
CA PHE D 218 -1.47 6.76 21.21
C PHE D 218 -0.94 7.82 20.25
N LEU D 219 -1.68 8.08 19.17
CA LEU D 219 -1.20 9.04 18.17
C LEU D 219 -1.11 10.50 18.65
N ALA D 220 -2.01 10.90 19.51
CA ALA D 220 -2.00 12.25 20.06
C ALA D 220 -0.81 12.46 20.99
N SER D 221 -0.42 11.40 21.67
CA SER D 221 0.63 11.45 22.69
C SER D 221 2.04 11.40 22.10
N ASP D 222 3.03 11.70 22.95
CA ASP D 222 4.41 11.65 22.51
C ASP D 222 4.91 10.21 22.34
N ASP D 223 4.11 9.21 22.72
CA ASP D 223 4.48 7.82 22.45
C ASP D 223 4.66 7.63 20.95
N ALA D 224 3.88 8.37 20.17
CA ALA D 224 3.91 8.28 18.71
C ALA D 224 4.81 9.35 18.11
N SER D 225 5.83 9.78 18.84
CA SER D 225 6.66 10.89 18.40
C SER D 225 7.39 10.70 17.07
N TYR D 226 7.62 9.45 16.64
CA TYR D 226 8.28 9.24 15.35
C TYR D 226 7.32 8.65 14.31
N VAL D 227 6.02 8.77 14.58
CA VAL D 227 4.99 8.32 13.65
C VAL D 227 4.31 9.54 13.03
N THR D 228 4.50 9.73 11.73
CA THR D 228 3.81 10.81 11.02
C THR D 228 3.62 10.44 9.56
N GLY D 229 2.57 10.98 8.96
CA GLY D 229 2.23 10.69 7.58
C GLY D 229 1.52 9.38 7.37
N GLN D 230 1.09 8.72 8.46
CA GLN D 230 0.61 7.34 8.38
C GLN D 230 -0.87 7.21 8.51
N THR D 231 -1.41 6.16 7.92
CA THR D 231 -2.81 5.77 8.09
C THR D 231 -2.81 4.41 8.77
N ILE D 232 -3.27 4.39 10.02
CA ILE D 232 -3.28 3.17 10.83
C ILE D 232 -4.66 2.52 10.72
N ASN D 233 -4.68 1.31 10.17
CA ASN D 233 -5.90 0.54 10.08
C ASN D 233 -6.21 -0.15 11.40
N VAL D 234 -7.39 0.12 11.91
CA VAL D 234 -7.83 -0.42 13.19
C VAL D 234 -9.13 -1.14 12.91
N ASN D 235 -9.01 -2.37 12.43
CA ASN D 235 -10.12 -3.03 11.75
C ASN D 235 -10.19 -4.53 11.99
N GLY D 236 -9.48 -5.00 13.00
CA GLY D 236 -9.51 -6.43 13.31
C GLY D 236 -8.93 -7.30 12.20
N GLY D 237 -8.11 -6.73 11.32
CA GLY D 237 -7.53 -7.49 10.23
C GLY D 237 -8.42 -7.62 9.01
N MET D 238 -9.42 -6.76 8.90
CA MET D 238 -10.40 -6.84 7.81
C MET D 238 -9.79 -6.64 6.41
N ARG D 239 -10.33 -7.38 5.45
CA ARG D 239 -10.19 -7.04 4.04
C ARG D 239 -11.63 -6.89 3.56
N LEU D 240 -11.94 -5.80 2.90
CA LEU D 240 -13.32 -5.52 2.50
C LEU D 240 -13.47 -5.56 0.99
#